data_3TLZ
#
_entry.id   3TLZ
#
_cell.length_a   54.553
_cell.length_b   90.189
_cell.length_c   73.322
_cell.angle_alpha   90.00
_cell.angle_beta   101.38
_cell.angle_gamma   90.00
#
_symmetry.space_group_name_H-M   'P 1 21 1'
#
loop_
_entity.id
_entity.type
_entity.pdbx_description
1 polymer MccF
2 non-polymer 'ADENOSINE MONOPHOSPHATE'
3 non-polymer 1,2-ETHANEDIOL
4 water water
#
_entity_poly.entity_id   1
_entity_poly.type   'polypeptide(L)'
_entity_poly.pdbx_seq_one_letter_code
;MGHHHHHHHHHHHHSSGHIDDDDKHMLEMIQSHPLLAAPLAVGDTIGFFSSSAPATVTAKNRFFRGVEFLQRKGFKLVSG
KLTGKTDFYRSGTIKERAQEFNELVYNPDITCIMSTIGGDNSNSLLPFLDYDAIIANPKIIIGYSDTTALLAGIYAKTGL
ITFYGPALIPSFGEHPPLVDITYESFIKILTRKQSGIYTYTLPEKWSDESINFNENKILRPKKLYKNNCAFYGSGKVEGR
VIGGNLNTLTGIWGSEWMPEIRNGDILFIEDSRKSIATVERLFSMLKLNRVFDKVSAIILGKHELFDCAGSKRRPYEVLT
EVLDGKQIPVLDGFDCSHTHPMLTLPLGVKLAIDFDNKNISITEQYLSTEK
;
_entity_poly.pdbx_strand_id   A,B
#
# COMPACT_ATOMS: atom_id res chain seq x y z
N PRO A 34 -20.34 8.86 -20.87
CA PRO A 34 -20.17 9.05 -19.42
C PRO A 34 -21.38 9.71 -18.77
N LEU A 35 -21.63 9.35 -17.51
CA LEU A 35 -22.67 10.01 -16.72
C LEU A 35 -22.14 11.34 -16.18
N LEU A 36 -22.87 12.42 -16.44
CA LEU A 36 -22.41 13.76 -16.10
C LEU A 36 -23.32 14.45 -15.09
N ALA A 37 -22.70 15.10 -14.11
CA ALA A 37 -23.43 15.90 -13.14
C ALA A 37 -23.78 17.26 -13.72
N ALA A 38 -24.78 17.91 -13.12
CA ALA A 38 -25.11 19.29 -13.45
C ALA A 38 -23.96 20.22 -13.03
N PRO A 39 -23.70 21.28 -13.82
CA PRO A 39 -22.61 22.19 -13.49
C PRO A 39 -22.88 22.97 -12.20
N LEU A 40 -21.81 23.42 -11.56
CA LEU A 40 -21.92 24.26 -10.38
C LEU A 40 -22.32 25.67 -10.81
N ALA A 41 -22.96 26.40 -9.89
CA ALA A 41 -23.30 27.81 -10.10
C ALA A 41 -23.16 28.57 -8.78
N VAL A 42 -22.84 29.85 -8.88
CA VAL A 42 -22.78 30.73 -7.72
C VAL A 42 -24.10 30.62 -6.95
N GLY A 43 -24.00 30.42 -5.64
CA GLY A 43 -25.18 30.32 -4.78
C GLY A 43 -25.66 28.90 -4.52
N ASP A 44 -25.01 27.93 -5.15
CA ASP A 44 -25.36 26.51 -4.97
C ASP A 44 -25.08 26.00 -3.55
N THR A 45 -25.66 24.86 -3.25
CA THR A 45 -25.45 24.19 -1.96
C THR A 45 -24.38 23.10 -2.10
N ILE A 46 -23.37 23.17 -1.23
CA ILE A 46 -22.30 22.18 -1.15
C ILE A 46 -22.45 21.41 0.15
N GLY A 47 -22.51 20.08 0.05
CA GLY A 47 -22.50 19.22 1.23
C GLY A 47 -21.12 18.65 1.45
N PHE A 48 -20.68 18.58 2.70
CA PHE A 48 -19.37 17.99 3.02
C PHE A 48 -19.44 16.77 3.93
N PHE A 49 -18.51 15.84 3.72
CA PHE A 49 -18.46 14.57 4.43
C PHE A 49 -17.04 14.25 4.88
N SER A 50 -16.92 13.44 5.92
CA SER A 50 -15.63 13.00 6.45
C SER A 50 -15.53 11.48 6.35
N SER A 51 -14.97 10.99 5.24
CA SER A 51 -14.92 9.55 4.99
C SER A 51 -13.73 8.85 5.65
N SER A 52 -12.85 9.61 6.29
CA SER A 52 -11.70 9.04 6.98
C SER A 52 -11.33 9.83 8.24
N ALA A 53 -10.26 10.63 8.19
CA ALA A 53 -9.79 11.36 9.37
C ALA A 53 -10.80 12.40 9.86
N PRO A 54 -10.97 12.51 11.20
CA PRO A 54 -11.96 13.43 11.78
C PRO A 54 -11.43 14.85 11.93
N ALA A 55 -11.02 15.46 10.82
CA ALA A 55 -10.33 16.76 10.86
C ALA A 55 -11.24 17.95 11.16
N THR A 56 -12.56 17.78 11.11
CA THR A 56 -13.46 18.85 11.57
C THR A 56 -13.26 19.09 13.07
N VAL A 57 -12.71 18.08 13.75
CA VAL A 57 -12.35 18.20 15.17
C VAL A 57 -10.85 18.49 15.36
N THR A 58 -10.00 17.69 14.72
CA THR A 58 -8.56 17.77 14.94
C THR A 58 -7.91 18.96 14.21
N ALA A 59 -8.60 19.51 13.22
CA ALA A 59 -8.16 20.72 12.53
C ALA A 59 -9.32 21.72 12.43
N LYS A 60 -9.93 21.98 13.59
CA LYS A 60 -11.14 22.80 13.67
C LYS A 60 -10.94 24.25 13.19
N ASN A 61 -9.79 24.83 13.50
CA ASN A 61 -9.49 26.20 13.04
C ASN A 61 -9.47 26.28 11.52
N ARG A 62 -8.75 25.36 10.88
CA ARG A 62 -8.65 25.34 9.43
C ARG A 62 -10.00 24.99 8.81
N PHE A 63 -10.74 24.07 9.44
CA PHE A 63 -12.09 23.72 9.03
C PHE A 63 -13.00 24.96 8.98
N PHE A 64 -13.04 25.71 10.06
CA PHE A 64 -13.85 26.93 10.11
C PHE A 64 -13.42 27.97 9.08
N ARG A 65 -12.12 28.08 8.83
CA ARG A 65 -11.61 28.97 7.78
C ARG A 65 -12.15 28.56 6.39
N GLY A 66 -12.15 27.27 6.10
CA GLY A 66 -12.68 26.75 4.85
C GLY A 66 -14.17 27.00 4.67
N VAL A 67 -14.93 26.74 5.73
CA VAL A 67 -16.37 27.00 5.77
C VAL A 67 -16.66 28.47 5.47
N GLU A 68 -15.98 29.36 6.20
CA GLU A 68 -16.15 30.80 6.03
C GLU A 68 -15.73 31.28 4.64
N PHE A 69 -14.66 30.70 4.11
CA PHE A 69 -14.18 31.04 2.76
C PHE A 69 -15.25 30.78 1.69
N LEU A 70 -15.83 29.58 1.69
CA LEU A 70 -16.84 29.23 0.71
C LEU A 70 -18.16 29.97 0.92
N GLN A 71 -18.50 30.25 2.17
CA GLN A 71 -19.70 31.02 2.50
C GLN A 71 -19.60 32.46 1.98
N ARG A 72 -18.40 33.05 2.07
CA ARG A 72 -18.17 34.40 1.55
C ARG A 72 -18.24 34.46 0.02
N LYS A 73 -18.05 33.31 -0.63
CA LYS A 73 -18.19 33.19 -2.07
C LYS A 73 -19.66 33.05 -2.49
N GLY A 74 -20.54 32.86 -1.52
CA GLY A 74 -21.97 32.79 -1.76
C GLY A 74 -22.57 31.40 -1.70
N PHE A 75 -21.76 30.41 -1.39
CA PHE A 75 -22.24 29.03 -1.30
C PHE A 75 -22.96 28.76 0.01
N LYS A 76 -24.00 27.94 -0.06
CA LYS A 76 -24.67 27.42 1.12
C LYS A 76 -24.03 26.08 1.45
N LEU A 77 -23.84 25.81 2.73
CA LEU A 77 -23.17 24.57 3.15
C LEU A 77 -24.07 23.66 3.96
N VAL A 78 -24.02 22.37 3.65
CA VAL A 78 -24.69 21.34 4.43
C VAL A 78 -23.63 20.49 5.10
N SER A 79 -23.66 20.45 6.43
CA SER A 79 -22.71 19.68 7.21
C SER A 79 -23.13 18.21 7.25
N GLY A 80 -22.22 17.32 6.84
CA GLY A 80 -22.44 15.89 6.99
C GLY A 80 -22.61 15.50 8.44
N LYS A 81 -23.33 14.42 8.68
CA LYS A 81 -23.73 14.04 10.05
C LYS A 81 -22.58 13.67 11.00
N LEU A 82 -21.39 13.44 10.45
CA LEU A 82 -20.24 13.10 11.28
C LEU A 82 -19.35 14.29 11.63
N THR A 83 -19.74 15.47 11.19
CA THR A 83 -19.02 16.70 11.53
C THR A 83 -19.01 16.88 13.05
N GLY A 84 -17.84 17.14 13.60
CA GLY A 84 -17.68 17.35 15.04
C GLY A 84 -17.53 16.09 15.86
N LYS A 85 -17.50 14.93 15.19
CA LYS A 85 -17.41 13.63 15.85
C LYS A 85 -16.02 13.00 15.68
N THR A 86 -15.62 12.19 16.66
CA THR A 86 -14.38 11.41 16.56
C THR A 86 -14.57 9.97 16.99
N ASP A 87 -13.95 9.06 16.25
CA ASP A 87 -13.76 7.68 16.69
C ASP A 87 -12.26 7.40 16.56
N PHE A 88 -11.50 8.10 17.40
CA PHE A 88 -10.03 8.03 17.42
C PHE A 88 -9.40 8.45 16.08
N TYR A 89 -9.03 7.49 15.25
CA TYR A 89 -8.33 7.76 14.00
C TYR A 89 -9.25 8.08 12.82
N ARG A 90 -10.55 7.95 13.05
CA ARG A 90 -11.56 8.13 12.00
C ARG A 90 -12.77 8.90 12.53
N SER A 91 -13.66 9.30 11.63
CA SER A 91 -14.84 10.08 11.97
C SER A 91 -15.97 9.24 12.56
N GLY A 92 -15.95 7.94 12.27
CA GLY A 92 -16.99 7.02 12.74
C GLY A 92 -16.79 5.64 12.15
N THR A 93 -17.72 4.73 12.43
CA THR A 93 -17.65 3.36 11.91
C THR A 93 -17.73 3.36 10.39
N ILE A 94 -17.37 2.24 9.78
CA ILE A 94 -17.48 2.07 8.34
C ILE A 94 -18.91 2.41 7.86
N LYS A 95 -19.89 1.83 8.53
CA LYS A 95 -21.29 2.05 8.14
C LYS A 95 -21.79 3.47 8.41
N GLU A 96 -21.33 4.07 9.51
CA GLU A 96 -21.64 5.47 9.83
C GLU A 96 -21.14 6.41 8.73
N ARG A 97 -19.93 6.14 8.24
CA ARG A 97 -19.33 6.96 7.20
C ARG A 97 -20.02 6.79 5.84
N ALA A 98 -20.40 5.56 5.52
CA ALA A 98 -21.19 5.30 4.31
C ALA A 98 -22.53 6.03 4.37
N GLN A 99 -23.18 5.97 5.54
CA GLN A 99 -24.44 6.66 5.81
C GLN A 99 -24.31 8.17 5.61
N GLU A 100 -23.24 8.75 6.16
CA GLU A 100 -23.00 10.20 6.02
C GLU A 100 -22.97 10.62 4.55
N PHE A 101 -22.24 9.85 3.74
CA PHE A 101 -22.11 10.12 2.32
C PHE A 101 -23.45 9.93 1.58
N ASN A 102 -24.11 8.80 1.82
CA ASN A 102 -25.38 8.50 1.18
C ASN A 102 -26.45 9.56 1.43
N GLU A 103 -26.49 10.07 2.67
CA GLU A 103 -27.45 11.11 3.05
C GLU A 103 -27.28 12.40 2.25
N LEU A 104 -26.04 12.72 1.85
CA LEU A 104 -25.80 13.87 0.99
C LEU A 104 -26.29 13.62 -0.44
N VAL A 105 -26.11 12.38 -0.93
CA VAL A 105 -26.63 11.97 -2.24
C VAL A 105 -28.16 12.07 -2.29
N TYR A 106 -28.82 11.76 -1.18
CA TYR A 106 -30.29 11.78 -1.10
C TYR A 106 -30.87 13.19 -1.05
N ASN A 107 -30.04 14.19 -0.76
CA ASN A 107 -30.49 15.57 -0.61
C ASN A 107 -30.60 16.28 -1.96
N PRO A 108 -31.84 16.60 -2.39
CA PRO A 108 -32.05 17.20 -3.72
C PRO A 108 -31.52 18.63 -3.87
N ASP A 109 -31.25 19.29 -2.75
CA ASP A 109 -30.74 20.67 -2.75
C ASP A 109 -29.23 20.74 -3.05
N ILE A 110 -28.54 19.62 -2.88
CA ILE A 110 -27.08 19.58 -2.99
C ILE A 110 -26.62 19.36 -4.43
N THR A 111 -25.77 20.26 -4.93
CA THR A 111 -25.19 20.13 -6.28
C THR A 111 -23.78 19.56 -6.25
N CYS A 112 -23.08 19.77 -5.13
CA CYS A 112 -21.70 19.35 -4.97
C CYS A 112 -21.49 18.66 -3.62
N ILE A 113 -20.92 17.46 -3.67
CA ILE A 113 -20.53 16.72 -2.47
C ILE A 113 -19.01 16.77 -2.36
N MET A 114 -18.54 17.40 -1.29
CA MET A 114 -17.11 17.72 -1.12
C MET A 114 -16.52 17.06 0.13
N SER A 115 -15.38 16.41 -0.04
CA SER A 115 -14.64 15.84 1.08
C SER A 115 -14.14 16.93 2.03
N THR A 116 -14.20 16.68 3.33
CA THR A 116 -13.55 17.59 4.30
C THR A 116 -12.04 17.41 4.26
N ILE A 117 -11.60 16.15 4.23
CA ILE A 117 -10.18 15.77 4.24
C ILE A 117 -10.10 14.27 3.94
N GLY A 118 -8.89 13.79 3.63
CA GLY A 118 -8.67 12.37 3.38
C GLY A 118 -8.30 11.62 4.65
N GLY A 119 -7.22 10.85 4.56
CA GLY A 119 -6.79 9.97 5.64
C GLY A 119 -6.31 8.65 5.09
N ASP A 120 -7.02 7.58 5.42
CA ASP A 120 -6.58 6.23 5.08
C ASP A 120 -7.72 5.28 4.75
N ASN A 121 -8.96 5.65 5.09
CA ASN A 121 -10.00 4.65 5.27
C ASN A 121 -11.27 4.71 4.42
N SER A 122 -11.28 5.55 3.38
CA SER A 122 -12.49 5.67 2.58
CA SER A 122 -12.45 5.69 2.52
C SER A 122 -12.82 4.40 1.77
N ASN A 123 -11.81 3.59 1.45
CA ASN A 123 -12.07 2.34 0.71
C ASN A 123 -13.04 1.41 1.45
N SER A 124 -13.06 1.50 2.78
CA SER A 124 -14.00 0.73 3.59
C SER A 124 -15.46 0.94 3.23
N LEU A 125 -15.79 2.16 2.77
CA LEU A 125 -17.17 2.54 2.50
C LEU A 125 -17.78 1.92 1.25
N LEU A 126 -16.92 1.47 0.34
CA LEU A 126 -17.35 1.12 -1.01
C LEU A 126 -18.48 0.08 -1.15
N PRO A 127 -18.48 -0.97 -0.29
CA PRO A 127 -19.60 -1.92 -0.41
C PRO A 127 -20.96 -1.36 0.02
N PHE A 128 -20.95 -0.20 0.68
CA PHE A 128 -22.14 0.32 1.35
C PHE A 128 -22.71 1.60 0.74
N LEU A 129 -22.08 2.10 -0.32
CA LEU A 129 -22.56 3.31 -0.99
C LEU A 129 -23.77 3.00 -1.86
N ASP A 130 -24.70 3.95 -1.93
CA ASP A 130 -25.92 3.77 -2.70
C ASP A 130 -25.68 4.18 -4.15
N TYR A 131 -25.13 3.26 -4.93
CA TYR A 131 -24.77 3.51 -6.33
C TYR A 131 -25.99 3.81 -7.22
N ASP A 132 -27.11 3.15 -6.93
CA ASP A 132 -28.35 3.41 -7.66
C ASP A 132 -28.81 4.86 -7.47
N ALA A 133 -28.69 5.36 -6.23
CA ALA A 133 -29.05 6.74 -5.93
C ALA A 133 -28.09 7.76 -6.56
N ILE A 134 -26.82 7.40 -6.64
CA ILE A 134 -25.82 8.24 -7.31
C ILE A 134 -26.13 8.37 -8.80
N ILE A 135 -26.54 7.26 -9.42
CA ILE A 135 -26.96 7.25 -10.82
C ILE A 135 -28.24 8.07 -11.03
N ALA A 136 -29.20 7.91 -10.12
CA ALA A 136 -30.48 8.63 -10.19
C ALA A 136 -30.33 10.12 -9.91
N ASN A 137 -29.37 10.46 -9.05
CA ASN A 137 -29.14 11.85 -8.65
C ASN A 137 -27.68 12.26 -8.82
N PRO A 138 -27.20 12.37 -10.07
CA PRO A 138 -25.79 12.70 -10.28
C PRO A 138 -25.41 14.07 -9.71
N LYS A 139 -24.31 14.11 -8.98
CA LYS A 139 -23.80 15.35 -8.38
C LYS A 139 -22.30 15.44 -8.61
N ILE A 140 -21.76 16.64 -8.42
CA ILE A 140 -20.32 16.84 -8.46
C ILE A 140 -19.71 16.27 -7.20
N ILE A 141 -18.88 15.24 -7.35
CA ILE A 141 -18.19 14.64 -6.23
C ILE A 141 -16.71 15.00 -6.32
N ILE A 142 -16.18 15.63 -5.28
CA ILE A 142 -14.85 16.22 -5.34
C ILE A 142 -14.06 16.01 -4.05
N GLY A 143 -12.77 15.72 -4.23
CA GLY A 143 -11.83 15.54 -3.13
C GLY A 143 -10.53 15.02 -3.69
N TYR A 144 -9.62 14.62 -2.82
CA TYR A 144 -8.35 14.06 -3.27
C TYR A 144 -7.73 13.15 -2.22
N SER A 145 -6.51 12.70 -2.48
CA SER A 145 -5.76 11.85 -1.56
C SER A 145 -6.55 10.56 -1.28
N ASP A 146 -6.80 10.24 -0.02
CA ASP A 146 -7.54 9.03 0.32
C ASP A 146 -8.92 8.94 -0.35
N THR A 147 -9.52 10.09 -0.62
CA THR A 147 -10.85 10.13 -1.22
C THR A 147 -10.84 9.57 -2.65
N THR A 148 -9.65 9.38 -3.22
CA THR A 148 -9.46 8.65 -4.47
C THR A 148 -10.26 7.34 -4.49
N ALA A 149 -10.29 6.63 -3.36
CA ALA A 149 -11.02 5.36 -3.31
C ALA A 149 -12.48 5.53 -3.69
N LEU A 150 -13.09 6.63 -3.24
CA LEU A 150 -14.48 6.94 -3.56
C LEU A 150 -14.62 7.47 -4.98
N LEU A 151 -13.72 8.35 -5.40
CA LEU A 151 -13.79 8.94 -6.74
C LEU A 151 -13.67 7.86 -7.81
N ALA A 152 -12.67 7.00 -7.67
CA ALA A 152 -12.43 5.92 -8.62
C ALA A 152 -13.49 4.84 -8.50
N GLY A 153 -13.85 4.49 -7.27
CA GLY A 153 -14.88 3.47 -7.02
C GLY A 153 -16.24 3.85 -7.58
N ILE A 154 -16.64 5.10 -7.39
CA ILE A 154 -17.92 5.58 -7.92
C ILE A 154 -17.90 5.58 -9.45
N TYR A 155 -16.80 6.02 -10.04
CA TYR A 155 -16.64 5.97 -11.50
C TYR A 155 -16.76 4.54 -12.03
N ALA A 156 -16.06 3.61 -11.38
CA ALA A 156 -16.08 2.20 -11.78
C ALA A 156 -17.50 1.62 -11.78
N LYS A 157 -18.28 1.98 -10.76
CA LYS A 157 -19.62 1.44 -10.57
C LYS A 157 -20.71 2.12 -11.37
N THR A 158 -20.53 3.41 -11.67
CA THR A 158 -21.61 4.23 -12.22
C THR A 158 -21.29 4.93 -13.54
N GLY A 159 -20.01 5.11 -13.83
CA GLY A 159 -19.58 5.88 -14.98
C GLY A 159 -19.66 7.38 -14.79
N LEU A 160 -19.95 7.81 -13.56
CA LEU A 160 -20.02 9.24 -13.23
C LEU A 160 -18.64 9.88 -13.28
N ILE A 161 -18.57 11.02 -13.95
CA ILE A 161 -17.35 11.81 -13.98
C ILE A 161 -17.22 12.56 -12.65
N THR A 162 -16.25 12.12 -11.85
CA THR A 162 -15.95 12.73 -10.55
C THR A 162 -14.68 13.58 -10.69
N PHE A 163 -14.33 14.30 -9.63
CA PHE A 163 -13.29 15.32 -9.72
C PHE A 163 -12.19 15.17 -8.69
N TYR A 164 -10.95 15.18 -9.18
CA TYR A 164 -9.79 15.27 -8.32
C TYR A 164 -9.55 16.75 -8.09
N GLY A 165 -9.73 17.19 -6.86
CA GLY A 165 -9.74 18.61 -6.57
C GLY A 165 -9.90 18.90 -5.09
N PRO A 166 -10.17 20.16 -4.75
CA PRO A 166 -10.19 20.66 -3.38
C PRO A 166 -11.03 19.87 -2.40
N ALA A 167 -10.46 19.64 -1.22
CA ALA A 167 -11.19 19.20 -0.04
C ALA A 167 -11.31 20.41 0.90
N LEU A 168 -12.42 20.47 1.63
CA LEU A 168 -12.77 21.67 2.38
C LEU A 168 -11.66 22.18 3.31
N ILE A 169 -11.12 21.28 4.13
CA ILE A 169 -10.16 21.67 5.16
C ILE A 169 -8.76 21.97 4.60
N PRO A 170 -8.11 20.98 3.93
CA PRO A 170 -6.76 21.31 3.47
C PRO A 170 -6.71 22.35 2.34
N SER A 171 -7.69 22.34 1.46
CA SER A 171 -7.64 23.21 0.29
C SER A 171 -8.21 24.61 0.55
N PHE A 172 -9.40 24.68 1.14
CA PHE A 172 -10.05 25.97 1.32
C PHE A 172 -9.79 26.62 2.67
N GLY A 173 -9.14 25.88 3.57
CA GLY A 173 -8.66 26.43 4.84
C GLY A 173 -7.26 27.02 4.73
N GLU A 174 -6.65 26.88 3.54
CA GLU A 174 -5.37 27.49 3.24
C GLU A 174 -5.49 29.01 3.29
N HIS A 175 -4.46 29.67 3.83
CA HIS A 175 -4.43 31.13 3.86
C HIS A 175 -4.17 31.68 2.45
N PRO A 176 -4.65 32.92 2.18
CA PRO A 176 -4.17 33.64 1.00
C PRO A 176 -2.64 33.76 1.04
N PRO A 177 -1.98 33.87 -0.13
CA PRO A 177 -2.54 34.01 -1.47
C PRO A 177 -2.92 32.71 -2.19
N LEU A 178 -2.39 31.59 -1.72
CA LEU A 178 -2.50 30.33 -2.47
C LEU A 178 -3.92 29.79 -2.59
N VAL A 179 -4.75 29.99 -1.56
CA VAL A 179 -6.14 29.56 -1.59
C VAL A 179 -6.94 30.19 -2.73
N ASP A 180 -6.60 31.44 -3.09
CA ASP A 180 -7.31 32.16 -4.15
C ASP A 180 -7.07 31.52 -5.51
N ILE A 181 -5.86 31.01 -5.74
CA ILE A 181 -5.53 30.33 -6.98
C ILE A 181 -6.23 28.97 -7.08
N THR A 182 -6.26 28.25 -5.95
CA THR A 182 -7.03 27.01 -5.84
C THR A 182 -8.50 27.25 -6.18
N TYR A 183 -9.08 28.30 -5.58
CA TYR A 183 -10.47 28.61 -5.82
C TYR A 183 -10.75 29.01 -7.27
N GLU A 184 -9.85 29.79 -7.86
CA GLU A 184 -9.99 30.22 -9.25
C GLU A 184 -10.15 29.02 -10.19
N SER A 185 -9.35 27.98 -9.98
CA SER A 185 -9.46 26.76 -10.79
C SER A 185 -10.77 26.04 -10.53
N PHE A 186 -11.09 25.85 -9.25
CA PHE A 186 -12.33 25.20 -8.80
C PHE A 186 -13.55 25.81 -9.48
N ILE A 187 -13.69 27.13 -9.37
CA ILE A 187 -14.87 27.81 -9.90
C ILE A 187 -14.89 27.84 -11.43
N LYS A 188 -13.72 27.99 -12.04
CA LYS A 188 -13.61 28.00 -13.51
C LYS A 188 -14.01 26.65 -14.11
N ILE A 189 -13.41 25.58 -13.61
CA ILE A 189 -13.67 24.22 -14.12
C ILE A 189 -15.14 23.83 -13.98
N LEU A 190 -15.72 24.13 -12.83
CA LEU A 190 -17.06 23.64 -12.51
C LEU A 190 -18.22 24.52 -12.99
N THR A 191 -17.94 25.77 -13.34
CA THR A 191 -19.01 26.70 -13.79
C THR A 191 -18.93 27.09 -15.26
N ARG A 192 -17.79 26.87 -15.91
CA ARG A 192 -17.61 27.28 -17.30
C ARG A 192 -18.57 26.58 -18.25
N LYS A 193 -18.89 27.26 -19.36
CA LYS A 193 -19.64 26.65 -20.44
C LYS A 193 -18.85 25.50 -21.04
N GLN A 194 -19.55 24.40 -21.36
CA GLN A 194 -18.94 23.20 -21.93
C GLN A 194 -18.89 23.32 -23.45
N SER A 195 -18.10 24.28 -23.93
CA SER A 195 -17.91 24.47 -25.37
C SER A 195 -16.43 24.72 -25.66
N GLY A 196 -15.86 23.90 -26.54
CA GLY A 196 -14.44 23.98 -26.87
C GLY A 196 -13.58 23.40 -25.77
N ILE A 197 -12.28 23.26 -26.06
CA ILE A 197 -11.34 22.71 -25.09
C ILE A 197 -11.06 23.71 -23.96
N TYR A 198 -10.68 23.20 -22.80
CA TYR A 198 -10.20 24.05 -21.72
C TYR A 198 -8.72 23.78 -21.47
N THR A 199 -7.90 24.82 -21.64
CA THR A 199 -6.47 24.72 -21.39
C THR A 199 -6.14 25.30 -20.02
N TYR A 200 -5.48 24.49 -19.19
CA TYR A 200 -5.14 24.89 -17.83
C TYR A 200 -4.14 26.05 -17.77
N THR A 201 -4.36 26.92 -16.80
CA THR A 201 -3.37 27.91 -16.39
C THR A 201 -2.29 27.24 -15.58
N LEU A 202 -1.10 27.84 -15.57
CA LEU A 202 0.01 27.35 -14.77
C LEU A 202 0.21 28.29 -13.58
N PRO A 203 0.04 27.78 -12.35
CA PRO A 203 0.31 28.62 -11.18
C PRO A 203 1.73 29.19 -11.23
N GLU A 204 1.85 30.49 -11.00
CA GLU A 204 3.15 31.17 -11.04
C GLU A 204 4.06 30.68 -9.91
N LYS A 205 3.48 30.50 -8.73
CA LYS A 205 4.21 30.05 -7.56
C LYS A 205 3.46 28.94 -6.84
N TRP A 206 4.19 28.09 -6.13
CA TRP A 206 3.60 27.00 -5.37
C TRP A 206 4.39 26.77 -4.09
N SER A 207 3.83 25.98 -3.19
CA SER A 207 4.54 25.59 -1.97
C SER A 207 4.08 24.24 -1.45
N ASP A 208 4.98 23.54 -0.77
CA ASP A 208 4.64 22.35 -0.02
C ASP A 208 5.08 22.45 1.44
N GLU A 209 5.43 23.66 1.87
CA GLU A 209 5.95 23.87 3.23
C GLU A 209 4.93 23.50 4.29
N SER A 210 5.37 22.74 5.28
CA SER A 210 4.49 22.25 6.34
C SER A 210 4.43 23.22 7.52
N ILE A 211 3.84 24.38 7.27
CA ILE A 211 3.56 25.38 8.30
C ILE A 211 2.15 25.93 8.08
N ASN A 212 1.67 26.68 9.07
CA ASN A 212 0.38 27.38 8.96
C ASN A 212 -0.78 26.45 8.58
N PHE A 213 -0.83 25.28 9.21
CA PHE A 213 -1.94 24.37 8.93
C PHE A 213 -3.17 24.68 9.77
N ASN A 214 -3.12 24.37 11.06
CA ASN A 214 -4.27 24.57 11.95
C ASN A 214 -4.11 25.74 12.91
N GLU A 215 -2.98 26.44 12.84
CA GLU A 215 -2.78 27.63 13.65
C GLU A 215 -3.78 28.71 13.21
N ASN A 216 -4.38 29.38 14.19
CA ASN A 216 -5.28 30.50 13.91
C ASN A 216 -4.49 31.70 13.37
N LYS A 217 -3.39 32.02 14.04
CA LYS A 217 -2.53 33.12 13.62
C LYS A 217 -1.28 32.58 12.96
N ILE A 218 -0.77 33.33 11.99
CA ILE A 218 0.49 32.96 11.33
C ILE A 218 1.59 33.96 11.65
N LEU A 219 2.81 33.45 11.81
CA LEU A 219 3.98 34.29 12.08
C LEU A 219 4.52 34.89 10.79
N ARG A 220 4.52 34.09 9.73
CA ARG A 220 5.01 34.51 8.42
C ARG A 220 4.42 33.62 7.32
N PRO A 221 4.46 34.09 6.04
CA PRO A 221 3.89 33.30 4.95
C PRO A 221 4.77 32.12 4.56
N LYS A 222 4.18 31.13 3.90
CA LYS A 222 4.93 30.01 3.35
C LYS A 222 5.97 30.50 2.34
N LYS A 223 7.11 29.82 2.31
CA LYS A 223 8.09 30.03 1.23
C LYS A 223 7.43 29.64 -0.09
N LEU A 224 7.64 30.46 -1.10
CA LEU A 224 7.07 30.22 -2.43
C LEU A 224 8.13 29.85 -3.44
N TYR A 225 7.79 28.91 -4.31
CA TYR A 225 8.72 28.40 -5.30
C TYR A 225 8.22 28.65 -6.71
N LYS A 226 9.17 28.97 -7.60
CA LYS A 226 8.89 29.07 -9.03
C LYS A 226 8.40 27.71 -9.54
N ASN A 227 7.43 27.73 -10.44
CA ASN A 227 6.89 26.48 -10.98
C ASN A 227 7.91 25.76 -11.85
N ASN A 228 8.31 24.58 -11.40
CA ASN A 228 9.34 23.78 -12.07
C ASN A 228 8.78 22.58 -12.83
N CYS A 229 7.49 22.68 -13.21
CA CYS A 229 6.82 21.67 -14.02
C CYS A 229 7.60 21.42 -15.31
N ALA A 230 7.70 20.16 -15.71
CA ALA A 230 8.46 19.78 -16.90
C ALA A 230 7.67 18.85 -17.81
N PHE A 231 7.81 19.08 -19.12
CA PHE A 231 7.18 18.24 -20.13
C PHE A 231 8.26 17.40 -20.82
N TYR A 232 8.25 16.10 -20.54
CA TYR A 232 9.20 15.17 -21.15
C TYR A 232 8.55 14.42 -22.29
N GLY A 233 8.96 14.76 -23.52
CA GLY A 233 8.40 14.16 -24.71
C GLY A 233 8.12 15.16 -25.81
N SER A 234 7.53 14.70 -26.90
CA SER A 234 7.23 15.55 -28.04
C SER A 234 5.86 15.24 -28.61
N GLY A 235 5.34 16.15 -29.43
CA GLY A 235 4.03 16.00 -30.04
C GLY A 235 2.90 16.18 -29.05
N LYS A 236 1.72 15.69 -29.43
CA LYS A 236 0.53 15.82 -28.60
C LYS A 236 -0.05 14.45 -28.31
N VAL A 237 -0.47 14.24 -27.05
CA VAL A 237 -1.09 12.98 -26.65
C VAL A 237 -2.49 13.27 -26.10
N GLU A 238 -3.49 12.62 -26.70
CA GLU A 238 -4.86 12.74 -26.23
C GLU A 238 -5.41 11.38 -25.82
N GLY A 239 -6.00 11.33 -24.63
CA GLY A 239 -6.59 10.10 -24.12
C GLY A 239 -7.35 10.31 -22.81
N ARG A 240 -8.17 9.33 -22.46
CA ARG A 240 -8.93 9.38 -21.21
C ARG A 240 -8.01 9.38 -20.01
N VAL A 241 -8.19 10.34 -19.10
CA VAL A 241 -7.40 10.38 -17.87
C VAL A 241 -7.99 9.48 -16.79
N ILE A 242 -7.11 8.72 -16.14
CA ILE A 242 -7.50 7.78 -15.10
C ILE A 242 -6.45 7.76 -13.99
N GLY A 243 -6.89 7.69 -12.74
CA GLY A 243 -5.98 7.55 -11.61
C GLY A 243 -6.38 8.32 -10.38
N GLY A 244 -5.40 8.99 -9.77
CA GLY A 244 -5.59 9.72 -8.52
C GLY A 244 -4.39 9.52 -7.62
N ASN A 245 -4.64 9.43 -6.32
CA ASN A 245 -3.57 9.18 -5.35
C ASN A 245 -3.11 7.72 -5.45
N LEU A 246 -1.86 7.52 -5.86
CA LEU A 246 -1.38 6.18 -6.16
C LEU A 246 -1.36 5.25 -4.95
N ASN A 247 -0.85 5.73 -3.81
CA ASN A 247 -0.86 4.94 -2.59
C ASN A 247 -2.28 4.47 -2.24
N THR A 248 -3.25 5.37 -2.41
CA THR A 248 -4.64 5.07 -2.10
C THR A 248 -5.22 4.00 -3.03
N LEU A 249 -4.78 4.01 -4.29
CA LEU A 249 -5.28 3.05 -5.27
C LEU A 249 -4.98 1.61 -4.87
N THR A 250 -3.91 1.38 -4.11
CA THR A 250 -3.58 0.04 -3.62
C THR A 250 -4.70 -0.58 -2.77
N GLY A 251 -5.53 0.27 -2.18
CA GLY A 251 -6.62 -0.18 -1.33
C GLY A 251 -7.86 -0.65 -2.07
N ILE A 252 -7.94 -0.35 -3.37
CA ILE A 252 -9.06 -0.80 -4.21
C ILE A 252 -8.61 -1.68 -5.37
N TRP A 253 -7.28 -1.79 -5.54
CA TRP A 253 -6.68 -2.50 -6.65
C TRP A 253 -7.17 -3.95 -6.73
N GLY A 254 -7.40 -4.42 -7.96
CA GLY A 254 -7.83 -5.80 -8.19
C GLY A 254 -9.32 -6.04 -8.02
N SER A 255 -10.02 -5.09 -7.40
CA SER A 255 -11.44 -5.23 -7.12
C SER A 255 -12.30 -4.63 -8.23
N GLU A 256 -13.61 -4.87 -8.14
CA GLU A 256 -14.57 -4.32 -9.08
C GLU A 256 -14.68 -2.79 -8.99
N TRP A 257 -14.09 -2.21 -7.93
CA TRP A 257 -14.10 -0.76 -7.73
C TRP A 257 -12.88 -0.05 -8.33
N MET A 258 -11.91 -0.81 -8.81
CA MET A 258 -10.79 -0.23 -9.54
C MET A 258 -11.15 -0.12 -11.01
N PRO A 259 -11.23 1.12 -11.54
CA PRO A 259 -11.54 1.27 -12.97
C PRO A 259 -10.47 0.61 -13.82
N GLU A 260 -10.89 -0.11 -14.86
CA GLU A 260 -9.95 -0.75 -15.78
C GLU A 260 -9.14 0.30 -16.54
N ILE A 261 -7.82 0.12 -16.54
CA ILE A 261 -6.94 0.97 -17.34
C ILE A 261 -6.82 0.36 -18.73
N ARG A 262 -7.07 1.18 -19.74
CA ARG A 262 -7.16 0.71 -21.12
C ARG A 262 -6.05 1.29 -21.99
N ASN A 263 -5.76 0.64 -23.11
CA ASN A 263 -4.83 1.16 -24.09
C ASN A 263 -5.19 2.59 -24.47
N GLY A 264 -4.20 3.47 -24.45
CA GLY A 264 -4.40 4.86 -24.84
C GLY A 264 -4.74 5.83 -23.72
N ASP A 265 -5.03 5.30 -22.53
CA ASP A 265 -5.31 6.15 -21.36
C ASP A 265 -4.11 7.03 -21.01
N ILE A 266 -4.40 8.19 -20.43
CA ILE A 266 -3.38 8.99 -19.76
C ILE A 266 -3.46 8.67 -18.27
N LEU A 267 -2.37 8.19 -17.69
CA LEU A 267 -2.34 7.89 -16.27
C LEU A 267 -2.01 9.15 -15.46
N PHE A 268 -2.91 9.49 -14.54
CA PHE A 268 -2.65 10.57 -13.60
C PHE A 268 -2.40 9.98 -12.22
N ILE A 269 -1.23 10.30 -11.65
CA ILE A 269 -0.88 9.83 -10.32
C ILE A 269 -0.18 10.92 -9.50
N GLU A 270 -0.51 10.98 -8.22
CA GLU A 270 0.20 11.82 -7.26
C GLU A 270 0.32 11.12 -5.93
N ASP A 271 1.38 11.45 -5.19
CA ASP A 271 1.55 10.98 -3.83
C ASP A 271 2.05 12.12 -2.94
N SER A 272 2.00 11.90 -1.63
CA SER A 272 2.37 12.92 -0.65
C SER A 272 3.20 12.35 0.49
N ARG A 273 4.27 13.06 0.84
CA ARG A 273 5.10 12.77 2.02
C ARG A 273 5.62 11.33 2.04
N LYS A 274 5.92 10.79 0.87
CA LYS A 274 6.42 9.42 0.78
C LYS A 274 7.93 9.36 0.63
N SER A 275 8.51 8.25 1.10
CA SER A 275 9.92 7.97 0.86
C SER A 275 10.11 7.51 -0.57
N ILE A 276 11.33 7.67 -1.07
CA ILE A 276 11.72 7.14 -2.37
C ILE A 276 11.52 5.62 -2.45
N ALA A 277 11.74 4.93 -1.33
CA ALA A 277 11.48 3.49 -1.24
C ALA A 277 10.03 3.15 -1.56
N THR A 278 9.09 3.88 -0.96
CA THR A 278 7.67 3.68 -1.22
C THR A 278 7.32 4.00 -2.67
N VAL A 279 7.89 5.09 -3.18
CA VAL A 279 7.63 5.50 -4.56
C VAL A 279 8.10 4.46 -5.58
N GLU A 280 9.28 3.88 -5.36
CA GLU A 280 9.74 2.78 -6.22
C GLU A 280 8.77 1.60 -6.18
N ARG A 281 8.31 1.25 -4.99
CA ARG A 281 7.38 0.11 -4.83
CA ARG A 281 7.37 0.13 -4.80
C ARG A 281 6.08 0.36 -5.58
N LEU A 282 5.55 1.57 -5.49
CA LEU A 282 4.30 1.90 -6.16
C LEU A 282 4.44 1.95 -7.69
N PHE A 283 5.55 2.51 -8.16
CA PHE A 283 5.84 2.51 -9.60
C PHE A 283 6.00 1.08 -10.14
N SER A 284 6.72 0.24 -9.39
CA SER A 284 6.89 -1.16 -9.81
C SER A 284 5.56 -1.92 -9.78
N MET A 285 4.68 -1.61 -8.83
CA MET A 285 3.34 -2.19 -8.79
C MET A 285 2.65 -1.95 -10.14
N LEU A 286 2.67 -0.70 -10.61
CA LEU A 286 2.10 -0.35 -11.91
C LEU A 286 2.75 -1.13 -13.05
N LYS A 287 4.07 -1.24 -13.03
CA LYS A 287 4.79 -1.99 -14.05
C LYS A 287 4.32 -3.44 -14.10
N LEU A 288 4.26 -4.08 -12.93
CA LEU A 288 3.85 -5.49 -12.84
C LEU A 288 2.43 -5.71 -13.38
N ASN A 289 1.59 -4.69 -13.23
CA ASN A 289 0.21 -4.75 -13.69
C ASN A 289 0.02 -4.36 -15.16
N ARG A 290 1.14 -4.22 -15.87
CA ARG A 290 1.16 -3.94 -17.31
C ARG A 290 0.61 -2.56 -17.67
N VAL A 291 0.53 -1.67 -16.68
CA VAL A 291 -0.02 -0.33 -16.90
C VAL A 291 0.82 0.45 -17.92
N PHE A 292 2.13 0.25 -17.88
CA PHE A 292 3.03 0.96 -18.79
C PHE A 292 3.06 0.38 -20.21
N ASP A 293 2.39 -0.76 -20.40
CA ASP A 293 2.18 -1.31 -21.73
C ASP A 293 0.92 -0.71 -22.40
N LYS A 294 0.10 -0.03 -21.60
CA LYS A 294 -1.20 0.48 -22.04
C LYS A 294 -1.23 1.99 -22.24
N VAL A 295 -0.68 2.74 -21.28
CA VAL A 295 -0.88 4.19 -21.22
C VAL A 295 -0.06 4.94 -22.25
N SER A 296 -0.64 6.02 -22.78
CA SER A 296 -0.01 6.83 -23.82
C SER A 296 0.80 7.99 -23.24
N ALA A 297 0.48 8.36 -22.00
CA ALA A 297 1.22 9.41 -21.28
C ALA A 297 1.00 9.23 -19.78
N ILE A 298 1.89 9.85 -18.99
CA ILE A 298 1.77 9.85 -17.53
C ILE A 298 1.84 11.29 -17.04
N ILE A 299 0.92 11.63 -16.14
CA ILE A 299 0.96 12.90 -15.42
C ILE A 299 1.35 12.62 -13.98
N LEU A 300 2.48 13.19 -13.56
CA LEU A 300 2.90 13.12 -12.17
C LEU A 300 2.54 14.43 -11.48
N GLY A 301 1.67 14.36 -10.47
CA GLY A 301 1.41 15.54 -9.64
C GLY A 301 2.64 15.86 -8.81
N LYS A 302 2.84 17.14 -8.50
CA LYS A 302 3.93 17.53 -7.60
C LYS A 302 3.83 16.75 -6.30
N HIS A 303 4.93 16.14 -5.87
CA HIS A 303 4.97 15.32 -4.68
C HIS A 303 5.31 16.18 -3.46
N GLU A 304 4.33 16.36 -2.57
CA GLU A 304 4.52 17.14 -1.35
C GLU A 304 5.59 16.52 -0.45
N LEU A 305 6.66 17.28 -0.20
CA LEU A 305 7.71 16.88 0.74
C LEU A 305 8.22 15.46 0.53
N PHE A 306 8.60 15.17 -0.71
CA PHE A 306 9.18 13.89 -1.08
C PHE A 306 10.48 13.65 -0.33
N ASP A 307 10.64 12.45 0.21
CA ASP A 307 11.84 12.08 0.96
C ASP A 307 12.74 11.21 0.09
N CYS A 308 13.80 11.81 -0.44
CA CYS A 308 14.70 11.13 -1.37
C CYS A 308 15.80 10.31 -0.68
N ALA A 309 15.75 10.25 0.65
CA ALA A 309 16.72 9.48 1.46
C ALA A 309 18.18 9.88 1.20
N GLY A 310 18.40 11.15 0.90
CA GLY A 310 19.74 11.68 0.63
C GLY A 310 20.30 11.37 -0.75
N SER A 311 19.51 10.70 -1.58
CA SER A 311 19.93 10.31 -2.94
C SER A 311 19.88 11.47 -3.92
N LYS A 312 19.15 12.52 -3.57
CA LYS A 312 18.90 13.68 -4.44
C LYS A 312 18.13 13.34 -5.71
N ARG A 313 17.51 12.16 -5.72
CA ARG A 313 16.72 11.72 -6.87
C ARG A 313 15.28 12.17 -6.76
N ARG A 314 14.70 12.53 -7.90
CA ARG A 314 13.29 12.92 -7.97
C ARG A 314 12.46 11.74 -8.46
N PRO A 315 11.13 11.75 -8.20
CA PRO A 315 10.28 10.65 -8.63
C PRO A 315 10.40 10.30 -10.12
N TYR A 316 10.58 11.29 -10.99
CA TYR A 316 10.73 11.02 -12.42
C TYR A 316 11.91 10.11 -12.74
N GLU A 317 13.02 10.29 -12.01
CA GLU A 317 14.19 9.43 -12.19
C GLU A 317 13.90 7.98 -11.82
N VAL A 318 13.16 7.80 -10.72
CA VAL A 318 12.77 6.45 -10.27
C VAL A 318 11.84 5.81 -11.30
N LEU A 319 10.87 6.57 -11.79
CA LEU A 319 9.98 6.10 -12.85
C LEU A 319 10.77 5.65 -14.08
N THR A 320 11.75 6.46 -14.46
CA THR A 320 12.62 6.14 -15.60
C THR A 320 13.29 4.77 -15.45
N GLU A 321 13.82 4.47 -14.27
CA GLU A 321 14.44 3.16 -14.05
C GLU A 321 13.41 2.04 -14.20
N VAL A 322 12.27 2.21 -13.54
CA VAL A 322 11.19 1.22 -13.56
C VAL A 322 10.68 0.94 -14.98
N LEU A 323 10.60 1.99 -15.79
CA LEU A 323 10.12 1.87 -17.17
C LEU A 323 11.01 0.98 -18.06
N ASP A 324 12.27 0.84 -17.68
CA ASP A 324 13.20 -0.10 -18.33
C ASP A 324 13.21 0.09 -19.86
N GLY A 325 13.36 1.34 -20.29
CA GLY A 325 13.48 1.67 -21.71
C GLY A 325 12.17 1.98 -22.43
N LYS A 326 11.04 1.69 -21.77
CA LYS A 326 9.73 2.02 -22.35
C LYS A 326 9.57 3.52 -22.44
N GLN A 327 9.42 4.02 -23.66
CA GLN A 327 9.32 5.45 -23.90
C GLN A 327 7.88 5.93 -23.76
N ILE A 328 7.58 6.55 -22.62
CA ILE A 328 6.27 7.13 -22.36
C ILE A 328 6.48 8.61 -22.02
N PRO A 329 5.80 9.51 -22.74
CA PRO A 329 5.93 10.93 -22.42
C PRO A 329 5.30 11.26 -21.07
N VAL A 330 5.96 12.13 -20.31
CA VAL A 330 5.57 12.41 -18.93
C VAL A 330 5.46 13.92 -18.69
N LEU A 331 4.33 14.33 -18.12
CA LEU A 331 4.18 15.68 -17.58
C LEU A 331 4.54 15.57 -16.10
N ASP A 332 5.71 16.07 -15.74
CA ASP A 332 6.19 15.97 -14.37
C ASP A 332 5.96 17.27 -13.60
N GLY A 333 5.09 17.22 -12.61
CA GLY A 333 4.86 18.36 -11.73
C GLY A 333 3.57 19.13 -11.96
N PHE A 334 2.53 18.43 -12.42
CA PHE A 334 1.21 19.04 -12.57
C PHE A 334 0.68 19.46 -11.20
N ASP A 335 0.10 20.66 -11.14
CA ASP A 335 -0.40 21.23 -9.89
C ASP A 335 -1.79 20.72 -9.51
N CYS A 336 -1.91 19.40 -9.41
CA CYS A 336 -3.14 18.76 -8.95
C CYS A 336 -2.72 17.64 -8.02
N SER A 337 -2.47 18.02 -6.76
CA SER A 337 -1.85 17.14 -5.78
C SER A 337 -1.99 17.72 -4.38
N HIS A 338 -1.09 17.36 -3.49
CA HIS A 338 -1.11 17.87 -2.11
C HIS A 338 -0.40 19.21 -1.95
N THR A 339 0.26 19.68 -3.01
CA THR A 339 0.91 20.98 -2.97
C THR A 339 -0.12 22.10 -3.18
N HIS A 340 0.23 23.32 -2.76
CA HIS A 340 -0.64 24.48 -2.95
C HIS A 340 -0.03 25.43 -3.97
N PRO A 341 -0.85 25.98 -4.89
CA PRO A 341 -2.28 25.78 -5.03
C PRO A 341 -2.62 24.50 -5.78
N MET A 342 -3.90 24.14 -5.77
CA MET A 342 -4.36 22.91 -6.39
C MET A 342 -5.39 23.20 -7.49
N LEU A 343 -5.17 22.62 -8.67
CA LEU A 343 -6.12 22.71 -9.77
C LEU A 343 -7.17 21.61 -9.67
N THR A 344 -8.32 21.82 -10.30
CA THR A 344 -9.42 20.85 -10.31
C THR A 344 -9.39 20.07 -11.62
N LEU A 345 -9.44 18.74 -11.51
CA LEU A 345 -9.31 17.84 -12.66
C LEU A 345 -10.44 16.82 -12.73
N PRO A 346 -11.21 16.82 -13.84
CA PRO A 346 -12.18 15.75 -14.01
C PRO A 346 -11.48 14.45 -14.36
N LEU A 347 -11.93 13.35 -13.77
CA LEU A 347 -11.36 12.04 -14.01
C LEU A 347 -12.29 11.21 -14.88
N GLY A 348 -11.71 10.53 -15.87
CA GLY A 348 -12.49 9.65 -16.75
C GLY A 348 -12.91 10.28 -18.07
N VAL A 349 -12.39 11.47 -18.35
CA VAL A 349 -12.63 12.13 -19.64
C VAL A 349 -11.30 12.40 -20.35
N LYS A 350 -11.39 12.68 -21.65
CA LYS A 350 -10.21 12.89 -22.47
C LYS A 350 -9.50 14.21 -22.17
N LEU A 351 -8.18 14.13 -22.06
CA LEU A 351 -7.30 15.29 -21.97
C LEU A 351 -6.36 15.27 -23.16
N ALA A 352 -5.84 16.45 -23.52
CA ALA A 352 -4.78 16.53 -24.50
C ALA A 352 -3.56 17.23 -23.88
N ILE A 353 -2.44 16.52 -23.84
CA ILE A 353 -1.18 17.11 -23.39
C ILE A 353 -0.34 17.44 -24.62
N ASP A 354 -0.08 18.73 -24.80
CA ASP A 354 0.80 19.18 -25.87
C ASP A 354 2.20 19.36 -25.31
N PHE A 355 3.07 18.40 -25.61
CA PHE A 355 4.44 18.39 -25.10
C PHE A 355 5.35 19.42 -25.77
N ASP A 356 4.96 19.83 -26.98
CA ASP A 356 5.72 20.84 -27.72
C ASP A 356 5.39 22.25 -27.24
N ASN A 357 4.10 22.52 -27.06
CA ASN A 357 3.64 23.82 -26.58
C ASN A 357 3.58 23.92 -25.05
N LYS A 358 3.89 22.80 -24.38
CA LYS A 358 3.95 22.75 -22.91
C LYS A 358 2.63 23.18 -22.25
N ASN A 359 1.54 22.53 -22.64
CA ASN A 359 0.25 22.77 -22.01
C ASN A 359 -0.61 21.51 -21.91
N ILE A 360 -1.69 21.61 -21.15
CA ILE A 360 -2.61 20.49 -20.92
C ILE A 360 -4.04 21.01 -20.95
N SER A 361 -4.90 20.29 -21.67
CA SER A 361 -6.27 20.70 -21.90
C SER A 361 -7.27 19.58 -21.66
N ILE A 362 -8.47 19.94 -21.20
CA ILE A 362 -9.60 19.02 -21.19
C ILE A 362 -10.30 19.14 -22.53
N THR A 363 -10.52 18.00 -23.20
CA THR A 363 -11.10 18.01 -24.54
C THR A 363 -12.48 17.34 -24.65
N GLU A 364 -12.93 16.73 -23.56
CA GLU A 364 -14.21 16.04 -23.53
C GLU A 364 -15.15 16.67 -22.49
N GLN A 365 -16.43 16.74 -22.85
CA GLN A 365 -17.47 17.27 -21.95
C GLN A 365 -17.49 16.49 -20.64
N TYR A 366 -17.52 17.21 -19.52
CA TYR A 366 -17.39 16.59 -18.20
C TYR A 366 -18.49 17.01 -17.21
N LEU A 367 -19.33 17.95 -17.64
CA LEU A 367 -20.53 18.33 -16.90
C LEU A 367 -21.65 18.56 -17.91
N SER A 368 -22.90 18.38 -17.47
CA SER A 368 -24.05 18.53 -18.37
C SER A 368 -24.28 19.97 -18.81
N PRO B 34 2.61 -29.71 -6.58
CA PRO B 34 3.50 -28.57 -6.38
C PRO B 34 4.95 -28.91 -6.71
N LEU B 35 5.76 -27.88 -6.98
CA LEU B 35 7.19 -28.05 -7.18
C LEU B 35 7.88 -27.98 -5.82
N LEU B 36 8.67 -29.01 -5.52
CA LEU B 36 9.27 -29.15 -4.19
C LEU B 36 10.79 -29.14 -4.25
N ALA B 37 11.40 -28.37 -3.36
CA ALA B 37 12.85 -28.36 -3.19
C ALA B 37 13.30 -29.52 -2.31
N ALA B 38 14.58 -29.87 -2.43
CA ALA B 38 15.19 -30.87 -1.56
C ALA B 38 15.29 -30.34 -0.13
N PRO B 39 15.18 -31.23 0.87
CA PRO B 39 15.29 -30.81 2.28
C PRO B 39 16.68 -30.28 2.61
N LEU B 40 16.73 -29.42 3.62
CA LEU B 40 17.99 -28.90 4.13
C LEU B 40 18.68 -29.97 4.99
N ALA B 41 20.00 -29.88 5.08
CA ALA B 41 20.78 -30.70 6.00
C ALA B 41 21.88 -29.86 6.63
N VAL B 42 22.21 -30.16 7.87
CA VAL B 42 23.33 -29.53 8.56
C VAL B 42 24.60 -29.74 7.71
N GLY B 43 25.32 -28.65 7.45
CA GLY B 43 26.51 -28.70 6.60
C GLY B 43 26.29 -28.20 5.19
N ASP B 44 25.03 -27.96 4.84
CA ASP B 44 24.68 -27.42 3.52
C ASP B 44 25.15 -25.98 3.35
N THR B 45 25.15 -25.52 2.10
CA THR B 45 25.49 -24.15 1.77
C THR B 45 24.22 -23.31 1.65
N ILE B 46 24.19 -22.20 2.40
CA ILE B 46 23.11 -21.22 2.35
C ILE B 46 23.64 -19.96 1.67
N GLY B 47 22.95 -19.52 0.61
CA GLY B 47 23.29 -18.26 -0.04
C GLY B 47 22.35 -17.17 0.44
N PHE B 48 22.89 -15.97 0.66
CA PHE B 48 22.05 -14.84 1.07
C PHE B 48 22.09 -13.65 0.12
N PHE B 49 20.97 -12.94 0.04
CA PHE B 49 20.79 -11.83 -0.89
C PHE B 49 20.08 -10.66 -0.22
N SER B 50 20.28 -9.47 -0.77
CA SER B 50 19.64 -8.25 -0.27
C SER B 50 18.78 -7.63 -1.37
N SER B 51 17.50 -7.99 -1.40
CA SER B 51 16.60 -7.54 -2.46
C SER B 51 16.00 -6.15 -2.20
N SER B 52 16.29 -5.58 -1.05
CA SER B 52 15.78 -4.24 -0.69
C SER B 52 16.77 -3.43 0.15
N ALA B 53 16.51 -3.31 1.46
CA ALA B 53 17.34 -2.49 2.34
C ALA B 53 18.76 -3.02 2.47
N PRO B 54 19.77 -2.13 2.45
CA PRO B 54 21.17 -2.55 2.51
C PRO B 54 21.68 -2.80 3.93
N ALA B 55 21.01 -3.69 4.66
CA ALA B 55 21.28 -3.87 6.08
C ALA B 55 22.61 -4.57 6.42
N THR B 56 23.25 -5.19 5.44
CA THR B 56 24.59 -5.75 5.67
C THR B 56 25.58 -4.62 5.98
N VAL B 57 25.19 -3.40 5.62
CA VAL B 57 25.97 -2.19 5.92
C VAL B 57 25.39 -1.43 7.12
N THR B 58 24.09 -1.15 7.08
CA THR B 58 23.44 -0.32 8.11
C THR B 58 23.23 -1.04 9.43
N ALA B 59 23.24 -2.37 9.40
CA ALA B 59 23.16 -3.19 10.60
C ALA B 59 24.26 -4.25 10.57
N LYS B 60 25.49 -3.79 10.37
CA LYS B 60 26.64 -4.68 10.17
C LYS B 60 26.93 -5.61 11.35
N ASN B 61 26.79 -5.07 12.57
CA ASN B 61 27.02 -5.86 13.79
C ASN B 61 26.04 -7.04 13.92
N ARG B 62 24.76 -6.76 13.69
CA ARG B 62 23.74 -7.80 13.75
C ARG B 62 23.90 -8.79 12.59
N PHE B 63 24.27 -8.28 11.42
CA PHE B 63 24.57 -9.10 10.26
C PHE B 63 25.67 -10.12 10.57
N PHE B 64 26.77 -9.63 11.14
CA PHE B 64 27.88 -10.50 11.54
C PHE B 64 27.47 -11.54 12.59
N ARG B 65 26.62 -11.14 13.53
CA ARG B 65 26.07 -12.06 14.53
C ARG B 65 25.27 -13.19 13.89
N GLY B 66 24.47 -12.85 12.88
CA GLY B 66 23.67 -13.83 12.14
C GLY B 66 24.54 -14.80 11.35
N VAL B 67 25.55 -14.26 10.67
CA VAL B 67 26.52 -15.06 9.94
C VAL B 67 27.22 -16.05 10.86
N GLU B 68 27.75 -15.54 11.98
CA GLU B 68 28.44 -16.37 12.96
C GLU B 68 27.53 -17.43 13.57
N PHE B 69 26.27 -17.08 13.83
CA PHE B 69 25.30 -18.01 14.40
C PHE B 69 25.11 -19.24 13.52
N LEU B 70 24.86 -19.02 12.24
CA LEU B 70 24.60 -20.12 11.30
C LEU B 70 25.88 -20.92 10.97
N GLN B 71 27.02 -20.23 10.96
CA GLN B 71 28.31 -20.89 10.75
C GLN B 71 28.66 -21.85 11.90
N ARG B 72 28.36 -21.42 13.13
CA ARG B 72 28.57 -22.27 14.30
C ARG B 72 27.68 -23.51 14.30
N LYS B 73 26.53 -23.41 13.64
CA LYS B 73 25.62 -24.55 13.47
C LYS B 73 26.14 -25.53 12.43
N GLY B 74 27.17 -25.13 11.69
CA GLY B 74 27.81 -26.00 10.71
C GLY B 74 27.52 -25.67 9.26
N PHE B 75 26.74 -24.60 9.03
CA PHE B 75 26.41 -24.20 7.67
C PHE B 75 27.52 -23.40 7.01
N LYS B 76 27.66 -23.61 5.70
CA LYS B 76 28.52 -22.79 4.87
C LYS B 76 27.68 -21.66 4.30
N LEU B 77 28.22 -20.45 4.26
CA LEU B 77 27.48 -19.31 3.75
C LEU B 77 28.13 -18.70 2.52
N VAL B 78 27.30 -18.46 1.49
CA VAL B 78 27.74 -17.74 0.30
C VAL B 78 27.08 -16.36 0.29
N SER B 79 27.92 -15.32 0.26
CA SER B 79 27.42 -13.95 0.25
C SER B 79 27.03 -13.53 -1.16
N GLY B 80 25.81 -13.00 -1.31
CA GLY B 80 25.37 -12.42 -2.58
C GLY B 80 26.22 -11.20 -2.92
N LYS B 81 26.29 -10.88 -4.21
CA LYS B 81 27.22 -9.86 -4.71
C LYS B 81 26.96 -8.44 -4.23
N LEU B 82 25.79 -8.20 -3.63
CA LEU B 82 25.46 -6.86 -3.13
C LEU B 82 25.73 -6.69 -1.63
N THR B 83 26.27 -7.73 -1.00
CA THR B 83 26.70 -7.66 0.39
C THR B 83 27.77 -6.57 0.53
N GLY B 84 27.56 -5.67 1.50
CA GLY B 84 28.49 -4.57 1.74
C GLY B 84 28.33 -3.38 0.83
N LYS B 85 27.32 -3.41 -0.03
CA LYS B 85 27.05 -2.31 -0.96
C LYS B 85 25.88 -1.47 -0.50
N THR B 86 25.86 -0.19 -0.87
CA THR B 86 24.71 0.68 -0.62
C THR B 86 24.37 1.53 -1.82
N ASP B 87 23.06 1.69 -2.06
CA ASP B 87 22.54 2.70 -2.95
C ASP B 87 21.47 3.47 -2.19
N PHE B 88 21.92 4.18 -1.16
CA PHE B 88 21.05 4.95 -0.26
C PHE B 88 20.01 4.07 0.45
N TYR B 89 18.79 4.03 -0.06
CA TYR B 89 17.68 3.31 0.58
C TYR B 89 17.63 1.82 0.20
N ARG B 90 18.47 1.42 -0.74
CA ARG B 90 18.46 0.06 -1.27
C ARG B 90 19.88 -0.47 -1.45
N SER B 91 19.99 -1.76 -1.76
CA SER B 91 21.29 -2.41 -1.93
C SER B 91 21.91 -2.13 -3.30
N GLY B 92 21.07 -1.83 -4.28
CA GLY B 92 21.52 -1.60 -5.64
C GLY B 92 20.38 -1.38 -6.61
N THR B 93 20.70 -1.28 -7.90
CA THR B 93 19.68 -1.08 -8.93
C THR B 93 18.73 -2.27 -8.98
N ILE B 94 17.57 -2.07 -9.59
CA ILE B 94 16.60 -3.15 -9.79
C ILE B 94 17.27 -4.34 -10.47
N LYS B 95 17.99 -4.08 -11.56
CA LYS B 95 18.61 -5.14 -12.33
C LYS B 95 19.73 -5.86 -11.58
N GLU B 96 20.55 -5.11 -10.85
CA GLU B 96 21.61 -5.70 -10.02
C GLU B 96 21.07 -6.60 -8.91
N ARG B 97 19.95 -6.19 -8.30
CA ARG B 97 19.30 -7.01 -7.27
C ARG B 97 18.72 -8.30 -7.84
N ALA B 98 18.14 -8.22 -9.03
CA ALA B 98 17.66 -9.41 -9.74
C ALA B 98 18.82 -10.36 -10.05
N GLN B 99 19.94 -9.78 -10.51
CA GLN B 99 21.14 -10.55 -10.80
C GLN B 99 21.69 -11.25 -9.55
N GLU B 100 21.73 -10.53 -8.44
CA GLU B 100 22.23 -11.10 -7.19
C GLU B 100 21.47 -12.38 -6.82
N PHE B 101 20.13 -12.32 -6.92
CA PHE B 101 19.27 -13.46 -6.63
C PHE B 101 19.49 -14.60 -7.62
N ASN B 102 19.45 -14.26 -8.92
CA ASN B 102 19.62 -15.26 -9.98
C ASN B 102 20.93 -16.03 -9.87
N GLU B 103 22.01 -15.33 -9.51
CA GLU B 103 23.31 -15.95 -9.35
C GLU B 103 23.31 -17.05 -8.27
N LEU B 104 22.52 -16.86 -7.22
CA LEU B 104 22.36 -17.87 -6.20
C LEU B 104 21.58 -19.09 -6.72
N VAL B 105 20.58 -18.83 -7.57
CA VAL B 105 19.82 -19.90 -8.23
C VAL B 105 20.72 -20.77 -9.11
N TYR B 106 21.69 -20.15 -9.78
CA TYR B 106 22.60 -20.87 -10.69
C TYR B 106 23.64 -21.71 -9.95
N ASN B 107 23.94 -21.35 -8.71
CA ASN B 107 24.96 -22.03 -7.91
C ASN B 107 24.49 -23.41 -7.45
N PRO B 108 25.13 -24.48 -7.97
CA PRO B 108 24.67 -25.84 -7.68
C PRO B 108 24.97 -26.31 -6.25
N ASP B 109 25.86 -25.60 -5.55
CA ASP B 109 26.22 -25.92 -4.17
C ASP B 109 25.18 -25.43 -3.16
N ILE B 110 24.38 -24.44 -3.55
CA ILE B 110 23.42 -23.80 -2.65
C ILE B 110 22.12 -24.59 -2.57
N THR B 111 21.73 -24.96 -1.35
CA THR B 111 20.48 -25.68 -1.12
C THR B 111 19.37 -24.76 -0.59
N CYS B 112 19.78 -23.63 -0.01
CA CYS B 112 18.86 -22.67 0.58
C CYS B 112 19.24 -21.24 0.23
N ILE B 113 18.28 -20.49 -0.29
CA ILE B 113 18.47 -19.06 -0.59
C ILE B 113 17.70 -18.25 0.45
N MET B 114 18.44 -17.46 1.23
CA MET B 114 17.91 -16.75 2.38
C MET B 114 18.05 -15.24 2.24
N SER B 115 16.97 -14.52 2.51
CA SER B 115 17.00 -13.06 2.54
C SER B 115 17.84 -12.57 3.71
N THR B 116 18.58 -11.48 3.50
CA THR B 116 19.29 -10.83 4.60
C THR B 116 18.32 -10.02 5.46
N ILE B 117 17.44 -9.29 4.78
CA ILE B 117 16.43 -8.44 5.40
C ILE B 117 15.45 -7.99 4.32
N GLY B 118 14.30 -7.47 4.74
CA GLY B 118 13.31 -6.94 3.81
C GLY B 118 13.54 -5.48 3.49
N GLY B 119 12.48 -4.69 3.60
CA GLY B 119 12.51 -3.28 3.22
C GLY B 119 11.22 -2.91 2.53
N ASP B 120 11.32 -2.52 1.27
CA ASP B 120 10.18 -2.00 0.51
C ASP B 120 10.16 -2.39 -0.95
N ASN B 121 11.28 -2.90 -1.47
CA ASN B 121 11.51 -2.84 -2.91
C ASN B 121 11.74 -4.15 -3.68
N SER B 122 11.47 -5.29 -3.05
CA SER B 122 11.69 -6.56 -3.73
CA SER B 122 11.64 -6.60 -3.70
C SER B 122 10.75 -6.78 -4.92
N ASN B 123 9.56 -6.17 -4.89
CA ASN B 123 8.63 -6.32 -6.01
C ASN B 123 9.21 -5.85 -7.36
N SER B 124 10.15 -4.91 -7.30
CA SER B 124 10.82 -4.40 -8.51
C SER B 124 11.54 -5.50 -9.31
N LEU B 125 12.03 -6.51 -8.60
CA LEU B 125 12.84 -7.57 -9.20
C LEU B 125 12.04 -8.55 -10.06
N LEU B 126 10.73 -8.63 -9.84
CA LEU B 126 9.92 -9.72 -10.39
C LEU B 126 9.95 -9.94 -11.91
N PRO B 127 10.02 -8.86 -12.72
CA PRO B 127 10.10 -9.11 -14.17
C PRO B 127 11.43 -9.72 -14.61
N PHE B 128 12.42 -9.71 -13.72
CA PHE B 128 13.80 -10.03 -14.09
C PHE B 128 14.37 -11.28 -13.45
N LEU B 129 13.57 -11.96 -12.62
CA LEU B 129 14.02 -13.22 -12.00
C LEU B 129 14.00 -14.34 -13.02
N ASP B 130 14.94 -15.28 -12.88
CA ASP B 130 15.05 -16.40 -13.81
C ASP B 130 14.17 -17.56 -13.33
N TYR B 131 12.87 -17.47 -13.62
CA TYR B 131 11.90 -18.47 -13.19
C TYR B 131 12.14 -19.84 -13.80
N ASP B 132 12.59 -19.87 -15.05
CA ASP B 132 12.90 -21.13 -15.72
C ASP B 132 14.08 -21.85 -15.06
N ALA B 133 15.06 -21.08 -14.59
CA ALA B 133 16.18 -21.64 -13.83
C ALA B 133 15.72 -22.19 -12.47
N ILE B 134 14.75 -21.51 -11.85
CA ILE B 134 14.17 -21.99 -10.59
C ILE B 134 13.46 -23.33 -10.80
N ILE B 135 12.72 -23.46 -11.90
CA ILE B 135 12.06 -24.71 -12.26
C ILE B 135 13.09 -25.82 -12.47
N ALA B 136 14.20 -25.49 -13.14
CA ALA B 136 15.26 -26.47 -13.41
C ALA B 136 16.06 -26.85 -12.16
N ASN B 137 16.25 -25.88 -11.26
CA ASN B 137 17.02 -26.08 -10.03
C ASN B 137 16.26 -25.60 -8.78
N PRO B 138 15.18 -26.31 -8.39
CA PRO B 138 14.42 -25.85 -7.22
C PRO B 138 15.25 -25.87 -5.93
N LYS B 139 15.12 -24.82 -5.14
CA LYS B 139 15.85 -24.67 -3.88
C LYS B 139 14.90 -24.11 -2.83
N ILE B 140 15.30 -24.23 -1.56
CA ILE B 140 14.55 -23.62 -0.47
C ILE B 140 14.75 -22.10 -0.54
N ILE B 141 13.64 -21.37 -0.69
CA ILE B 141 13.69 -19.91 -0.72
C ILE B 141 12.94 -19.41 0.52
N ILE B 142 13.61 -18.60 1.33
CA ILE B 142 13.09 -18.24 2.65
C ILE B 142 13.36 -16.78 3.03
N GLY B 143 12.37 -16.18 3.69
CA GLY B 143 12.44 -14.80 4.16
C GLY B 143 11.05 -14.38 4.60
N TYR B 144 10.92 -13.09 4.94
CA TYR B 144 9.61 -12.57 5.33
C TYR B 144 9.49 -11.08 5.02
N SER B 145 8.38 -10.48 5.43
CA SER B 145 8.14 -9.05 5.25
C SER B 145 8.14 -8.69 3.76
N ASP B 146 8.97 -7.74 3.36
CA ASP B 146 9.03 -7.32 1.96
C ASP B 146 9.37 -8.47 0.99
N THR B 147 10.09 -9.46 1.49
CA THR B 147 10.47 -10.64 0.70
C THR B 147 9.25 -11.43 0.23
N THR B 148 8.10 -11.18 0.86
CA THR B 148 6.81 -11.73 0.42
C THR B 148 6.61 -11.58 -1.09
N ALA B 149 7.00 -10.44 -1.65
CA ALA B 149 6.84 -10.21 -3.09
C ALA B 149 7.54 -11.30 -3.91
N LEU B 150 8.74 -11.69 -3.46
CA LEU B 150 9.49 -12.75 -4.11
C LEU B 150 8.91 -14.14 -3.84
N LEU B 151 8.55 -14.41 -2.59
CA LEU B 151 8.01 -15.71 -2.21
C LEU B 151 6.72 -16.01 -2.97
N ALA B 152 5.82 -15.04 -2.99
CA ALA B 152 4.54 -15.18 -3.68
C ALA B 152 4.71 -15.16 -5.19
N GLY B 153 5.57 -14.27 -5.69
CA GLY B 153 5.84 -14.14 -7.12
C GLY B 153 6.43 -15.40 -7.73
N ILE B 154 7.40 -15.98 -7.03
CA ILE B 154 8.02 -17.24 -7.47
C ILE B 154 7.00 -18.39 -7.45
N TYR B 155 6.18 -18.45 -6.41
CA TYR B 155 5.11 -19.45 -6.34
C TYR B 155 4.09 -19.31 -7.48
N ALA B 156 3.74 -18.07 -7.81
CA ALA B 156 2.80 -17.80 -8.89
C ALA B 156 3.34 -18.26 -10.25
N LYS B 157 4.63 -18.08 -10.46
CA LYS B 157 5.26 -18.36 -11.74
C LYS B 157 5.70 -19.81 -11.94
N THR B 158 6.04 -20.47 -10.84
CA THR B 158 6.70 -21.79 -10.91
C THR B 158 5.98 -22.90 -10.13
N GLY B 159 5.15 -22.51 -9.17
CA GLY B 159 4.51 -23.48 -8.29
C GLY B 159 5.42 -23.99 -7.17
N LEU B 160 6.61 -23.41 -7.07
CA LEU B 160 7.55 -23.79 -6.03
C LEU B 160 7.02 -23.43 -4.64
N ILE B 161 7.08 -24.41 -3.74
CA ILE B 161 6.73 -24.17 -2.35
C ILE B 161 7.90 -23.45 -1.67
N THR B 162 7.66 -22.18 -1.36
CA THR B 162 8.64 -21.32 -0.68
C THR B 162 8.24 -21.16 0.78
N PHE B 163 9.08 -20.46 1.56
CA PHE B 163 8.93 -20.45 3.01
C PHE B 163 8.88 -19.06 3.60
N TYR B 164 7.83 -18.82 4.38
CA TYR B 164 7.77 -17.64 5.23
C TYR B 164 8.53 -17.96 6.51
N GLY B 165 9.68 -17.31 6.69
CA GLY B 165 10.55 -17.65 7.78
C GLY B 165 11.71 -16.70 7.94
N PRO B 166 12.69 -17.09 8.77
CA PRO B 166 13.84 -16.26 9.15
C PRO B 166 14.60 -15.60 8.01
N ALA B 167 14.92 -14.33 8.21
CA ALA B 167 15.91 -13.63 7.39
C ALA B 167 17.18 -13.52 8.23
N LEU B 168 18.33 -13.53 7.55
CA LEU B 168 19.63 -13.64 8.22
C LEU B 168 19.86 -12.59 9.32
N ILE B 169 19.61 -11.32 9.00
CA ILE B 169 19.92 -10.23 9.92
C ILE B 169 18.90 -10.08 11.06
N PRO B 170 17.60 -9.85 10.76
CA PRO B 170 16.69 -9.65 11.88
C PRO B 170 16.41 -10.91 12.70
N SER B 171 16.41 -12.09 12.05
CA SER B 171 16.04 -13.32 12.74
C SER B 171 17.22 -14.00 13.44
N PHE B 172 18.30 -14.21 12.71
CA PHE B 172 19.44 -14.93 13.25
C PHE B 172 20.50 -14.05 13.92
N GLY B 173 20.34 -12.74 13.79
CA GLY B 173 21.16 -11.77 14.51
C GLY B 173 20.57 -11.43 15.87
N GLU B 174 19.39 -11.99 16.15
CA GLU B 174 18.72 -11.85 17.45
C GLU B 174 19.55 -12.54 18.53
N HIS B 175 19.59 -11.93 19.72
CA HIS B 175 20.29 -12.51 20.86
C HIS B 175 19.52 -13.70 21.44
N PRO B 176 20.24 -14.62 22.10
CA PRO B 176 19.57 -15.65 22.91
C PRO B 176 18.74 -15.00 24.02
N PRO B 177 17.69 -15.69 24.50
CA PRO B 177 17.28 -17.05 24.15
C PRO B 177 16.35 -17.16 22.94
N LEU B 178 15.78 -16.04 22.49
CA LEU B 178 14.74 -16.07 21.45
C LEU B 178 15.22 -16.61 20.10
N VAL B 179 16.47 -16.32 19.73
CA VAL B 179 17.05 -16.82 18.47
C VAL B 179 17.09 -18.35 18.42
N ASP B 180 17.26 -18.97 19.59
CA ASP B 180 17.34 -20.43 19.68
C ASP B 180 16.01 -21.09 19.33
N ILE B 181 14.91 -20.45 19.73
CA ILE B 181 13.56 -20.94 19.42
C ILE B 181 13.27 -20.76 17.92
N THR B 182 13.68 -19.62 17.37
CA THR B 182 13.58 -19.38 15.93
C THR B 182 14.35 -20.44 15.13
N TYR B 183 15.59 -20.71 15.55
CA TYR B 183 16.40 -21.72 14.88
C TYR B 183 15.80 -23.12 15.00
N GLU B 184 15.27 -23.45 16.18
CA GLU B 184 14.63 -24.75 16.43
C GLU B 184 13.53 -25.04 15.41
N SER B 185 12.71 -24.04 15.09
CA SER B 185 11.64 -24.19 14.12
C SER B 185 12.19 -24.32 12.70
N PHE B 186 13.10 -23.40 12.35
CA PHE B 186 13.81 -23.40 11.07
C PHE B 186 14.38 -24.79 10.75
N ILE B 187 15.14 -25.34 11.68
CA ILE B 187 15.80 -26.62 11.46
C ILE B 187 14.82 -27.80 11.45
N LYS B 188 13.82 -27.77 12.33
CA LYS B 188 12.79 -28.81 12.36
C LYS B 188 12.02 -28.88 11.04
N ILE B 189 11.49 -27.74 10.61
CA ILE B 189 10.68 -27.69 9.39
C ILE B 189 11.45 -28.13 8.14
N LEU B 190 12.68 -27.66 8.02
CA LEU B 190 13.44 -27.85 6.78
C LEU B 190 14.22 -29.16 6.69
N THR B 191 14.43 -29.84 7.83
CA THR B 191 15.22 -31.08 7.84
C THR B 191 14.43 -32.36 8.16
N ARG B 192 13.24 -32.21 8.75
CA ARG B 192 12.43 -33.35 9.17
C ARG B 192 12.04 -34.26 8.00
N LYS B 193 11.89 -35.55 8.29
CA LYS B 193 11.38 -36.50 7.31
C LYS B 193 9.95 -36.16 6.95
N GLN B 194 9.62 -36.26 5.66
CA GLN B 194 8.30 -35.93 5.15
C GLN B 194 7.35 -37.12 5.29
N SER B 195 6.96 -37.40 6.52
CA SER B 195 6.04 -38.50 6.83
C SER B 195 5.09 -38.07 7.95
N GLY B 196 3.80 -38.22 7.71
CA GLY B 196 2.78 -37.79 8.66
C GLY B 196 2.69 -36.28 8.77
N ILE B 197 1.68 -35.79 9.48
CA ILE B 197 1.49 -34.36 9.68
C ILE B 197 2.55 -33.80 10.62
N TYR B 198 2.81 -32.50 10.50
CA TYR B 198 3.65 -31.81 11.48
C TYR B 198 2.81 -30.81 12.26
N THR B 199 2.77 -30.97 13.58
CA THR B 199 2.04 -30.06 14.45
C THR B 199 3.02 -29.08 15.11
N TYR B 200 2.76 -27.79 14.92
CA TYR B 200 3.62 -26.73 15.45
C TYR B 200 3.65 -26.70 16.97
N THR B 201 4.83 -26.41 17.51
CA THR B 201 4.98 -26.07 18.91
C THR B 201 4.61 -24.61 19.09
N LEU B 202 4.15 -24.27 20.29
CA LEU B 202 3.79 -22.90 20.64
C LEU B 202 4.90 -22.30 21.50
N PRO B 203 5.54 -21.21 21.02
CA PRO B 203 6.55 -20.55 21.85
C PRO B 203 5.97 -20.14 23.20
N GLU B 204 6.69 -20.45 24.27
CA GLU B 204 6.22 -20.14 25.63
C GLU B 204 6.18 -18.65 25.85
N LYS B 205 7.21 -17.95 25.39
CA LYS B 205 7.29 -16.49 25.54
C LYS B 205 7.69 -15.83 24.22
N TRP B 206 7.32 -14.57 24.06
CA TRP B 206 7.61 -13.81 22.86
C TRP B 206 7.87 -12.34 23.20
N SER B 207 8.42 -11.60 22.24
CA SER B 207 8.65 -10.16 22.40
C SER B 207 8.54 -9.40 21.09
N ASP B 208 8.16 -8.14 21.19
CA ASP B 208 8.23 -7.21 20.06
C ASP B 208 8.94 -5.91 20.43
N GLU B 209 9.64 -5.93 21.56
CA GLU B 209 10.35 -4.74 22.06
C GLU B 209 11.48 -4.31 21.13
N SER B 210 11.52 -3.02 20.82
CA SER B 210 12.51 -2.46 19.90
C SER B 210 13.77 -2.00 20.64
N ILE B 211 14.52 -2.99 21.13
CA ILE B 211 15.83 -2.75 21.77
C ILE B 211 16.85 -3.80 21.30
N ASN B 212 18.13 -3.52 21.53
CA ASN B 212 19.23 -4.43 21.22
C ASN B 212 19.26 -4.94 19.77
N PHE B 213 19.04 -4.03 18.82
CA PHE B 213 19.06 -4.43 17.41
C PHE B 213 20.48 -4.54 16.85
N ASN B 214 21.16 -3.41 16.72
CA ASN B 214 22.49 -3.38 16.14
C ASN B 214 23.63 -3.19 17.16
N GLU B 215 23.26 -3.09 18.43
CA GLU B 215 24.25 -3.02 19.52
C GLU B 215 24.90 -4.37 19.74
N ASN B 216 26.22 -4.37 19.88
CA ASN B 216 26.99 -5.60 20.10
C ASN B 216 26.73 -6.19 21.48
N LYS B 217 26.75 -5.32 22.50
CA LYS B 217 26.45 -5.72 23.87
C LYS B 217 25.08 -5.20 24.30
N ILE B 218 24.38 -5.99 25.10
CA ILE B 218 23.03 -5.65 25.55
C ILE B 218 23.02 -5.08 26.97
N LEU B 219 22.25 -4.01 27.15
CA LEU B 219 22.07 -3.41 28.48
C LEU B 219 21.17 -4.27 29.35
N ARG B 220 20.11 -4.82 28.75
CA ARG B 220 19.20 -5.76 29.41
C ARG B 220 18.53 -6.65 28.36
N PRO B 221 18.03 -7.83 28.77
CA PRO B 221 17.26 -8.67 27.84
C PRO B 221 15.91 -8.05 27.51
N LYS B 222 15.34 -8.46 26.39
CA LYS B 222 14.02 -7.97 25.96
C LYS B 222 12.92 -8.39 26.93
N LYS B 223 11.93 -7.52 27.10
CA LYS B 223 10.74 -7.83 27.89
C LYS B 223 10.00 -9.00 27.24
N LEU B 224 9.75 -10.04 28.03
CA LEU B 224 9.11 -11.24 27.52
C LEU B 224 7.64 -11.32 27.95
N TYR B 225 6.78 -11.67 27.00
CA TYR B 225 5.35 -11.77 27.23
C TYR B 225 4.88 -13.21 27.10
N LYS B 226 3.90 -13.59 27.93
CA LYS B 226 3.24 -14.88 27.80
C LYS B 226 2.50 -14.93 26.47
N ASN B 227 2.50 -16.09 25.83
CA ASN B 227 1.84 -16.24 24.53
C ASN B 227 0.34 -16.09 24.64
N ASN B 228 -0.20 -15.08 23.96
CA ASN B 228 -1.62 -14.75 24.00
C ASN B 228 -2.36 -15.12 22.71
N CYS B 229 -1.80 -16.08 21.98
CA CYS B 229 -2.42 -16.61 20.76
C CYS B 229 -3.82 -17.13 21.05
N ALA B 230 -4.78 -16.81 20.19
CA ALA B 230 -6.17 -17.19 20.39
C ALA B 230 -6.76 -17.89 19.17
N PHE B 231 -7.56 -18.92 19.43
CA PHE B 231 -8.25 -19.67 18.38
C PHE B 231 -9.74 -19.32 18.39
N TYR B 232 -10.15 -18.44 17.48
CA TYR B 232 -11.55 -18.02 17.38
C TYR B 232 -12.29 -18.89 16.37
N GLY B 233 -13.06 -19.84 16.87
CA GLY B 233 -13.83 -20.75 16.04
C GLY B 233 -13.92 -22.12 16.64
N SER B 234 -14.52 -23.04 15.89
CA SER B 234 -14.65 -24.43 16.34
C SER B 234 -14.43 -25.41 15.20
N GLY B 235 -14.25 -26.67 15.55
CA GLY B 235 -13.98 -27.71 14.57
C GLY B 235 -12.59 -27.60 13.97
N LYS B 236 -12.42 -28.22 12.82
CA LYS B 236 -11.13 -28.25 12.14
C LYS B 236 -11.28 -27.68 10.74
N VAL B 237 -10.33 -26.84 10.33
CA VAL B 237 -10.30 -26.29 8.98
C VAL B 237 -9.00 -26.71 8.30
N GLU B 238 -9.12 -27.36 7.15
CA GLU B 238 -7.95 -27.76 6.36
C GLU B 238 -8.02 -27.15 4.97
N GLY B 239 -6.93 -26.51 4.56
CA GLY B 239 -6.85 -25.90 3.24
C GLY B 239 -5.48 -25.36 2.93
N ARG B 240 -5.25 -25.04 1.65
CA ARG B 240 -3.99 -24.49 1.19
C ARG B 240 -3.74 -23.12 1.81
N VAL B 241 -2.57 -22.94 2.43
CA VAL B 241 -2.21 -21.64 2.98
C VAL B 241 -1.59 -20.73 1.92
N ILE B 242 -2.02 -19.48 1.93
CA ILE B 242 -1.57 -18.48 0.96
C ILE B 242 -1.48 -17.12 1.65
N GLY B 243 -0.46 -16.35 1.30
CA GLY B 243 -0.34 -14.99 1.80
C GLY B 243 1.07 -14.57 2.16
N GLY B 244 1.20 -13.91 3.30
CA GLY B 244 2.48 -13.36 3.75
C GLY B 244 2.26 -11.99 4.37
N ASN B 245 3.22 -11.09 4.14
CA ASN B 245 3.10 -9.73 4.65
C ASN B 245 2.07 -8.96 3.82
N LEU B 246 0.99 -8.54 4.48
CA LEU B 246 -0.16 -7.98 3.76
C LEU B 246 0.15 -6.65 3.08
N ASN B 247 0.83 -5.74 3.78
CA ASN B 247 1.25 -4.49 3.16
C ASN B 247 2.07 -4.73 1.90
N THR B 248 2.98 -5.70 1.97
CA THR B 248 3.82 -6.04 0.82
C THR B 248 3.01 -6.57 -0.36
N LEU B 249 1.96 -7.35 -0.07
CA LEU B 249 1.11 -7.89 -1.13
C LEU B 249 0.50 -6.82 -2.03
N THR B 250 0.29 -5.61 -1.49
CA THR B 250 -0.23 -4.50 -2.31
C THR B 250 0.69 -4.14 -3.47
N GLY B 251 1.97 -4.47 -3.36
CA GLY B 251 2.94 -4.18 -4.42
C GLY B 251 2.93 -5.14 -5.59
N ILE B 252 2.25 -6.28 -5.44
CA ILE B 252 2.14 -7.27 -6.52
C ILE B 252 0.70 -7.55 -6.90
N TRP B 253 -0.24 -6.97 -6.13
CA TRP B 253 -1.66 -7.25 -6.30
C TRP B 253 -2.15 -6.94 -7.70
N GLY B 254 -3.03 -7.80 -8.22
CA GLY B 254 -3.61 -7.61 -9.55
C GLY B 254 -2.75 -8.10 -10.71
N SER B 255 -1.48 -8.38 -10.44
CA SER B 255 -0.53 -8.81 -11.47
C SER B 255 -0.45 -10.34 -11.57
N GLU B 256 0.27 -10.80 -12.60
CA GLU B 256 0.49 -12.22 -12.82
C GLU B 256 1.37 -12.85 -11.73
N TRP B 257 2.00 -12.01 -10.91
CA TRP B 257 2.85 -12.46 -9.80
C TRP B 257 2.10 -12.65 -8.48
N MET B 258 0.85 -12.20 -8.43
CA MET B 258 0.02 -12.45 -7.25
C MET B 258 -0.69 -13.79 -7.42
N PRO B 259 -0.38 -14.77 -6.55
CA PRO B 259 -1.05 -16.07 -6.67
C PRO B 259 -2.55 -15.91 -6.47
N GLU B 260 -3.33 -16.59 -7.29
CA GLU B 260 -4.78 -16.55 -7.16
C GLU B 260 -5.19 -17.19 -5.84
N ILE B 261 -6.00 -16.48 -5.08
CA ILE B 261 -6.62 -17.03 -3.87
C ILE B 261 -7.87 -17.78 -4.29
N ARG B 262 -8.03 -19.00 -3.77
CA ARG B 262 -9.10 -19.90 -4.17
C ARG B 262 -10.05 -20.21 -3.02
N ASN B 263 -11.28 -20.57 -3.36
CA ASN B 263 -12.22 -21.11 -2.38
C ASN B 263 -11.57 -22.21 -1.56
N GLY B 264 -11.69 -22.10 -0.24
CA GLY B 264 -11.16 -23.11 0.67
C GLY B 264 -9.75 -22.85 1.18
N ASP B 265 -9.07 -21.85 0.63
CA ASP B 265 -7.74 -21.47 1.11
C ASP B 265 -7.78 -21.01 2.57
N ILE B 266 -6.64 -21.14 3.24
CA ILE B 266 -6.44 -20.48 4.53
C ILE B 266 -5.56 -19.26 4.24
N LEU B 267 -6.05 -18.08 4.59
CA LEU B 267 -5.30 -16.85 4.38
C LEU B 267 -4.35 -16.61 5.54
N PHE B 268 -3.06 -16.51 5.25
CA PHE B 268 -2.07 -16.13 6.23
C PHE B 268 -1.62 -14.71 5.96
N ILE B 269 -1.76 -13.84 6.96
CA ILE B 269 -1.34 -12.44 6.83
C ILE B 269 -0.70 -11.94 8.11
N GLU B 270 0.38 -11.17 7.96
CA GLU B 270 1.00 -10.47 9.07
C GLU B 270 1.44 -9.08 8.62
N ASP B 271 1.49 -8.15 9.58
CA ASP B 271 2.02 -6.82 9.34
C ASP B 271 2.85 -6.37 10.53
N SER B 272 3.62 -5.29 10.34
CA SER B 272 4.53 -4.79 11.36
C SER B 272 4.49 -3.28 11.47
N ARG B 273 4.45 -2.79 12.71
CA ARG B 273 4.58 -1.35 13.03
C ARG B 273 3.60 -0.46 12.27
N LYS B 274 2.40 -0.97 12.03
CA LYS B 274 1.39 -0.22 11.30
C LYS B 274 0.40 0.45 12.23
N SER B 275 -0.18 1.54 11.75
CA SER B 275 -1.29 2.19 12.44
C SER B 275 -2.57 1.40 12.21
N ILE B 276 -3.50 1.53 13.14
CA ILE B 276 -4.83 0.96 13.01
C ILE B 276 -5.53 1.43 11.72
N ALA B 277 -5.24 2.66 11.31
CA ALA B 277 -5.78 3.22 10.07
C ALA B 277 -5.31 2.41 8.85
N THR B 278 -4.02 2.11 8.81
CA THR B 278 -3.45 1.29 7.73
C THR B 278 -4.03 -0.12 7.75
N VAL B 279 -4.14 -0.70 8.94
CA VAL B 279 -4.69 -2.05 9.09
C VAL B 279 -6.14 -2.14 8.59
N GLU B 280 -6.96 -1.15 8.93
CA GLU B 280 -8.33 -1.11 8.39
C GLU B 280 -8.33 -1.05 6.86
N ARG B 281 -7.46 -0.21 6.28
CA ARG B 281 -7.38 -0.08 4.82
CA ARG B 281 -7.35 -0.07 4.84
C ARG B 281 -7.02 -1.40 4.16
N LEU B 282 -6.03 -2.10 4.72
CA LEU B 282 -5.58 -3.38 4.17
C LEU B 282 -6.64 -4.48 4.29
N PHE B 283 -7.32 -4.54 5.44
CA PHE B 283 -8.42 -5.49 5.62
C PHE B 283 -9.57 -5.22 4.65
N SER B 284 -9.91 -3.94 4.47
CA SER B 284 -10.98 -3.59 3.53
C SER B 284 -10.58 -3.88 2.08
N MET B 285 -9.30 -3.71 1.75
CA MET B 285 -8.79 -4.11 0.43
C MET B 285 -9.12 -5.57 0.16
N LEU B 286 -8.82 -6.45 1.12
CA LEU B 286 -9.12 -7.86 1.00
C LEU B 286 -10.62 -8.10 0.83
N LYS B 287 -11.42 -7.39 1.61
CA LYS B 287 -12.88 -7.50 1.51
C LYS B 287 -13.37 -7.14 0.11
N LEU B 288 -12.89 -6.01 -0.42
CA LEU B 288 -13.28 -5.55 -1.75
C LEU B 288 -12.90 -6.56 -2.83
N ASN B 289 -11.80 -7.27 -2.61
CA ASN B 289 -11.31 -8.27 -3.55
C ASN B 289 -11.95 -9.65 -3.41
N ARG B 290 -13.01 -9.73 -2.61
CA ARG B 290 -13.80 -10.96 -2.39
C ARG B 290 -13.02 -12.07 -1.68
N VAL B 291 -11.89 -11.71 -1.04
CA VAL B 291 -11.05 -12.69 -0.37
C VAL B 291 -11.80 -13.39 0.75
N PHE B 292 -12.62 -12.64 1.48
CA PHE B 292 -13.35 -13.20 2.62
C PHE B 292 -14.55 -14.04 2.22
N ASP B 293 -14.90 -14.01 0.94
CA ASP B 293 -15.90 -14.92 0.39
C ASP B 293 -15.29 -16.28 0.10
N LYS B 294 -13.97 -16.30 -0.09
CA LYS B 294 -13.24 -17.50 -0.52
C LYS B 294 -12.64 -18.31 0.62
N VAL B 295 -11.98 -17.63 1.55
CA VAL B 295 -11.13 -18.33 2.53
C VAL B 295 -11.94 -19.03 3.62
N SER B 296 -11.46 -20.21 4.03
CA SER B 296 -12.14 -20.99 5.07
C SER B 296 -11.64 -20.67 6.48
N ALA B 297 -10.47 -20.03 6.57
CA ALA B 297 -9.90 -19.58 7.84
C ALA B 297 -8.89 -18.48 7.57
N ILE B 298 -8.58 -17.71 8.61
CA ILE B 298 -7.56 -16.66 8.55
C ILE B 298 -6.57 -16.87 9.69
N ILE B 299 -5.28 -16.80 9.35
CA ILE B 299 -4.22 -16.76 10.35
C ILE B 299 -3.66 -15.34 10.39
N LEU B 300 -3.76 -14.70 11.55
CA LEU B 300 -3.12 -13.41 11.78
C LEU B 300 -1.83 -13.61 12.56
N GLY B 301 -0.71 -13.22 11.96
CA GLY B 301 0.56 -13.23 12.67
C GLY B 301 0.55 -12.14 13.73
N LYS B 302 1.30 -12.32 14.81
CA LYS B 302 1.42 -11.27 15.83
C LYS B 302 1.93 -9.99 15.17
N HIS B 303 1.23 -8.88 15.44
CA HIS B 303 1.58 -7.59 14.85
C HIS B 303 2.58 -6.86 15.75
N GLU B 304 3.81 -6.70 15.27
CA GLU B 304 4.87 -6.03 16.02
C GLU B 304 4.55 -4.57 16.24
N LEU B 305 4.47 -4.17 17.51
CA LEU B 305 4.25 -2.78 17.91
C LEU B 305 3.14 -2.09 17.12
N PHE B 306 1.97 -2.72 17.10
CA PHE B 306 0.77 -2.18 16.51
C PHE B 306 0.40 -0.86 17.18
N ASP B 307 0.05 0.14 16.37
CA ASP B 307 -0.34 1.46 16.87
C ASP B 307 -1.86 1.61 16.78
N CYS B 308 -2.53 1.46 17.92
CA CYS B 308 -3.99 1.49 17.96
C CYS B 308 -4.58 2.91 18.04
N ALA B 309 -3.71 3.92 17.97
CA ALA B 309 -4.12 5.34 18.02
C ALA B 309 -4.97 5.70 19.25
N GLY B 310 -4.66 5.05 20.37
CA GLY B 310 -5.36 5.29 21.64
C GLY B 310 -6.69 4.60 21.79
N SER B 311 -7.10 3.85 20.76
CA SER B 311 -8.40 3.18 20.76
C SER B 311 -8.43 1.90 21.59
N LYS B 312 -7.25 1.38 21.94
CA LYS B 312 -7.06 0.10 22.62
C LYS B 312 -7.67 -1.11 21.88
N ARG B 313 -7.90 -0.94 20.58
CA ARG B 313 -8.42 -2.00 19.72
C ARG B 313 -7.28 -2.83 19.13
N ARG B 314 -7.51 -4.13 19.00
CA ARG B 314 -6.54 -5.03 18.40
C ARG B 314 -6.93 -5.28 16.94
N PRO B 315 -5.98 -5.73 16.10
CA PRO B 315 -6.30 -6.00 14.70
C PRO B 315 -7.51 -6.93 14.51
N TYR B 316 -7.69 -7.92 15.38
CA TYR B 316 -8.84 -8.82 15.28
C TYR B 316 -10.19 -8.09 15.37
N GLU B 317 -10.27 -7.06 16.22
CA GLU B 317 -11.49 -6.26 16.33
C GLU B 317 -11.79 -5.50 15.03
N VAL B 318 -10.74 -4.99 14.40
CA VAL B 318 -10.87 -4.29 13.13
C VAL B 318 -11.34 -5.25 12.04
N LEU B 319 -10.72 -6.42 12.00
CA LEU B 319 -11.13 -7.48 11.06
C LEU B 319 -12.60 -7.83 11.23
N THR B 320 -13.04 -7.97 12.48
CA THR B 320 -14.43 -8.28 12.79
C THR B 320 -15.39 -7.24 12.21
N GLU B 321 -15.08 -5.96 12.34
CA GLU B 321 -15.92 -4.92 11.76
C GLU B 321 -15.97 -5.05 10.24
N VAL B 322 -14.80 -5.19 9.62
CA VAL B 322 -14.70 -5.30 8.17
C VAL B 322 -15.50 -6.51 7.64
N LEU B 323 -15.43 -7.62 8.35
CA LEU B 323 -16.15 -8.85 7.95
C LEU B 323 -17.67 -8.69 7.92
N ASP B 324 -18.18 -7.68 8.61
CA ASP B 324 -19.60 -7.29 8.56
C ASP B 324 -20.53 -8.48 8.85
N GLY B 325 -20.38 -9.05 10.05
CA GLY B 325 -21.26 -10.12 10.52
C GLY B 325 -20.92 -11.52 10.04
N LYS B 326 -20.10 -11.59 8.99
CA LYS B 326 -19.69 -12.88 8.42
C LYS B 326 -18.66 -13.57 9.32
N GLN B 327 -18.94 -14.84 9.63
CA GLN B 327 -18.11 -15.62 10.53
C GLN B 327 -17.04 -16.42 9.79
N ILE B 328 -15.79 -16.09 10.05
CA ILE B 328 -14.65 -16.85 9.53
C ILE B 328 -13.78 -17.23 10.73
N PRO B 329 -13.42 -18.52 10.87
CA PRO B 329 -12.52 -18.93 11.93
C PRO B 329 -11.17 -18.23 11.80
N VAL B 330 -10.67 -17.70 12.92
CA VAL B 330 -9.42 -16.95 12.93
C VAL B 330 -8.47 -17.47 14.00
N LEU B 331 -7.25 -17.79 13.57
CA LEU B 331 -6.14 -18.00 14.50
C LEU B 331 -5.44 -16.66 14.64
N ASP B 332 -5.62 -16.03 15.80
CA ASP B 332 -5.05 -14.71 16.05
C ASP B 332 -3.80 -14.80 16.91
N GLY B 333 -2.67 -14.38 16.34
CA GLY B 333 -1.42 -14.30 17.07
C GLY B 333 -0.45 -15.44 16.80
N PHE B 334 -0.46 -15.95 15.57
CA PHE B 334 0.49 -17.00 15.18
C PHE B 334 1.90 -16.42 15.16
N ASP B 335 2.85 -17.19 15.69
CA ASP B 335 4.24 -16.73 15.82
C ASP B 335 5.03 -16.91 14.52
N CYS B 336 4.53 -16.30 13.46
CA CYS B 336 5.21 -16.28 12.17
C CYS B 336 5.05 -14.88 11.60
N SER B 337 5.88 -13.96 12.09
CA SER B 337 5.73 -12.55 11.81
C SER B 337 7.03 -11.82 12.15
N HIS B 338 6.91 -10.53 12.49
CA HIS B 338 8.06 -9.72 12.87
C HIS B 338 8.40 -9.83 14.35
N THR B 339 7.55 -10.51 15.13
CA THR B 339 7.84 -10.73 16.54
C THR B 339 8.85 -11.87 16.71
N HIS B 340 9.52 -11.90 17.85
CA HIS B 340 10.46 -12.97 18.17
C HIS B 340 9.91 -13.82 19.29
N PRO B 341 10.06 -15.16 19.20
CA PRO B 341 10.73 -15.90 18.12
C PRO B 341 9.81 -16.09 16.91
N MET B 342 10.38 -16.56 15.82
CA MET B 342 9.65 -16.73 14.58
C MET B 342 9.68 -18.18 14.11
N LEU B 343 8.50 -18.71 13.77
CA LEU B 343 8.38 -20.05 13.21
C LEU B 343 8.53 -20.01 11.70
N THR B 344 8.87 -21.16 11.11
CA THR B 344 9.01 -21.32 9.66
C THR B 344 7.77 -21.99 9.09
N LEU B 345 7.21 -21.39 8.04
CA LEU B 345 5.94 -21.82 7.46
C LEU B 345 6.01 -21.98 5.93
N PRO B 346 5.77 -23.20 5.41
CA PRO B 346 5.69 -23.35 3.96
C PRO B 346 4.41 -22.70 3.44
N LEU B 347 4.55 -22.01 2.31
CA LEU B 347 3.41 -21.37 1.66
C LEU B 347 3.00 -22.14 0.42
N GLY B 348 1.69 -22.37 0.28
CA GLY B 348 1.15 -23.04 -0.90
C GLY B 348 0.82 -24.50 -0.70
N VAL B 349 0.91 -24.96 0.54
CA VAL B 349 0.53 -26.34 0.90
C VAL B 349 -0.57 -26.34 1.94
N LYS B 350 -1.23 -27.49 2.10
CA LYS B 350 -2.33 -27.61 3.04
C LYS B 350 -1.88 -27.57 4.50
N LEU B 351 -2.59 -26.78 5.29
CA LEU B 351 -2.49 -26.79 6.74
C LEU B 351 -3.82 -27.22 7.33
N ALA B 352 -3.79 -27.74 8.55
CA ALA B 352 -5.01 -28.02 9.29
C ALA B 352 -4.98 -27.26 10.62
N ILE B 353 -5.93 -26.35 10.81
CA ILE B 353 -6.09 -25.67 12.08
C ILE B 353 -7.20 -26.36 12.86
N ASP B 354 -6.85 -26.92 14.01
CA ASP B 354 -7.84 -27.51 14.90
C ASP B 354 -8.18 -26.50 15.98
N PHE B 355 -9.34 -25.88 15.83
CA PHE B 355 -9.80 -24.82 16.73
C PHE B 355 -10.24 -25.35 18.09
N ASP B 356 -10.66 -26.61 18.13
CA ASP B 356 -11.09 -27.23 19.38
C ASP B 356 -9.89 -27.64 20.23
N ASN B 357 -8.89 -28.23 19.59
CA ASN B 357 -7.67 -28.66 20.28
C ASN B 357 -6.59 -27.57 20.32
N LYS B 358 -6.88 -26.43 19.71
CA LYS B 358 -5.99 -25.26 19.71
C LYS B 358 -4.58 -25.58 19.18
N ASN B 359 -4.53 -26.16 17.99
CA ASN B 359 -3.26 -26.41 17.32
C ASN B 359 -3.31 -26.19 15.81
N ILE B 360 -2.12 -26.16 15.20
CA ILE B 360 -2.00 -25.94 13.76
C ILE B 360 -0.93 -26.89 13.21
N SER B 361 -1.26 -27.55 12.09
CA SER B 361 -0.41 -28.57 11.51
C SER B 361 -0.23 -28.40 10.02
N ILE B 362 0.95 -28.80 9.52
CA ILE B 362 1.17 -28.95 8.07
C ILE B 362 0.75 -30.37 7.69
N THR B 363 -0.10 -30.50 6.69
CA THR B 363 -0.66 -31.80 6.31
C THR B 363 -0.27 -32.28 4.92
N GLU B 364 0.43 -31.43 4.17
CA GLU B 364 0.84 -31.75 2.80
C GLU B 364 2.37 -31.70 2.68
N GLN B 365 2.93 -32.65 1.93
CA GLN B 365 4.37 -32.69 1.67
C GLN B 365 4.85 -31.37 1.05
N TYR B 366 5.93 -30.82 1.60
CA TYR B 366 6.41 -29.50 1.20
C TYR B 366 7.90 -29.48 0.83
N LEU B 367 8.58 -30.62 1.00
CA LEU B 367 9.93 -30.82 0.49
C LEU B 367 10.03 -32.19 -0.14
N SER B 368 10.93 -32.36 -1.11
CA SER B 368 11.03 -33.60 -1.87
C SER B 368 11.61 -34.77 -1.06
#